data_5M5J
#
_entry.id   5M5J
#
_cell.length_a   85.643
_cell.length_b   85.643
_cell.length_c   163.221
_cell.angle_alpha   90.00
_cell.angle_beta   90.00
_cell.angle_gamma   90.00
#
_symmetry.space_group_name_H-M   'P 41 21 2'
#
loop_
_entity.id
_entity.type
_entity.pdbx_description
1 polymer 'Thioredoxin reductase'
2 non-polymer 'FLAVIN-ADENINE DINUCLEOTIDE'
3 non-polymer 'SODIUM ION'
4 water water
#
_entity_poly.entity_id   1
_entity_poly.type   'polypeptide(L)'
_entity_poly.pdbx_seq_one_letter_code
;MRGSHHHHHHGSSTQRHVRIGIIGGGPAGLTAGIYASRANLKTCVFVGIEHTSQMFTTTDVENFPSHTAIKGPALMEAIQ
NQAEHCGAELLYEDVHSIDVSSRPFKIVHGYENETTLADALIIATGATARRLDCKGEKEYWQKGVSACAVCDSAMATGKE
VVVVGGGDVACEEATYLTKIATKVYMVLRRDKFRASAAMVKKVMNEKLIEIIYDSAIDEIKGDGKCVTSVSIKNLKDGKT
RTLNAGALYWAVGHDPQTSFLKKGQLEQDEAGYILLKDHPTQRTSVDGVFAAGDCCDHLYRQAVVAAGSGSKAALDAERW
LAMQE
;
_entity_poly.pdbx_strand_id   A,B
#
loop_
_chem_comp.id
_chem_comp.type
_chem_comp.name
_chem_comp.formula
FAD non-polymer 'FLAVIN-ADENINE DINUCLEOTIDE' 'C27 H33 N9 O15 P2'
NA non-polymer 'SODIUM ION' 'Na 1'
#
# COMPACT_ATOMS: atom_id res chain seq x y z
N GLN A 15 35.37 -2.60 1.64
CA GLN A 15 34.22 -1.63 1.60
C GLN A 15 32.90 -2.32 1.20
N ARG A 16 31.79 -1.81 1.73
CA ARG A 16 30.47 -2.35 1.41
C ARG A 16 29.92 -1.75 0.13
N HIS A 17 29.60 -2.62 -0.83
CA HIS A 17 28.86 -2.26 -2.03
C HIS A 17 27.60 -3.16 -2.09
N VAL A 18 26.43 -2.52 -2.14
CA VAL A 18 25.13 -3.21 -2.20
C VAL A 18 24.38 -2.83 -3.48
N ARG A 19 23.44 -3.68 -3.86
CA ARG A 19 22.60 -3.42 -5.03
C ARG A 19 21.56 -2.36 -4.69
N ILE A 20 20.94 -2.49 -3.52
CA ILE A 20 19.99 -1.51 -3.02
C ILE A 20 20.40 -1.09 -1.61
N GLY A 21 20.42 0.23 -1.40
CA GLY A 21 20.65 0.83 -0.08
C GLY A 21 19.33 1.37 0.45
N ILE A 22 18.91 0.87 1.60
CA ILE A 22 17.65 1.28 2.21
C ILE A 22 17.97 2.03 3.51
N ILE A 23 17.52 3.28 3.59
CA ILE A 23 17.79 4.12 4.75
C ILE A 23 16.50 4.20 5.58
N GLY A 24 16.45 3.40 6.65
CA GLY A 24 15.30 3.34 7.56
C GLY A 24 14.83 1.91 7.76
N GLY A 25 14.58 1.52 9.01
CA GLY A 25 14.18 0.14 9.37
C GLY A 25 12.79 0.01 9.98
N GLY A 26 11.85 0.83 9.50
CA GLY A 26 10.45 0.74 9.89
C GLY A 26 9.72 -0.21 8.97
N PRO A 27 8.37 -0.22 9.03
CA PRO A 27 7.53 -0.99 8.12
C PRO A 27 7.86 -0.83 6.63
N ALA A 28 8.14 0.40 6.20
CA ALA A 28 8.45 0.65 4.80
C ALA A 28 9.84 0.12 4.49
N GLY A 29 10.82 0.58 5.25
CA GLY A 29 12.21 0.17 5.10
C GLY A 29 12.43 -1.34 5.15
N LEU A 30 11.88 -2.00 6.18
CA LEU A 30 12.03 -3.45 6.31
C LEU A 30 11.31 -4.25 5.22
N THR A 31 10.14 -3.76 4.78
CA THR A 31 9.37 -4.44 3.72
C THR A 31 10.15 -4.36 2.39
N ALA A 32 10.73 -3.20 2.10
CA ALA A 32 11.65 -3.05 0.96
C ALA A 32 12.82 -4.04 1.04
N GLY A 33 13.42 -4.17 2.23
CA GLY A 33 14.50 -5.11 2.46
C GLY A 33 14.13 -6.56 2.15
N ILE A 34 12.94 -6.96 2.63
CA ILE A 34 12.36 -8.28 2.33
C ILE A 34 12.21 -8.50 0.82
N TYR A 35 11.57 -7.57 0.12
CA TYR A 35 11.37 -7.69 -1.33
C TYR A 35 12.68 -7.69 -2.13
N ALA A 36 13.59 -6.76 -1.84
CA ALA A 36 14.91 -6.71 -2.48
C ALA A 36 15.76 -7.98 -2.24
N SER A 37 15.79 -8.45 -1.00
CA SER A 37 16.55 -9.66 -0.63
C SER A 37 16.03 -10.90 -1.32
N ARG A 38 14.71 -11.06 -1.33
CA ARG A 38 14.04 -12.18 -2.01
C ARG A 38 14.23 -12.14 -3.53
N ALA A 39 14.42 -10.94 -4.09
CA ALA A 39 14.85 -10.78 -5.49
C ALA A 39 16.34 -11.12 -5.72
N ASN A 40 17.01 -11.66 -4.69
CA ASN A 40 18.42 -12.03 -4.73
C ASN A 40 19.35 -10.87 -5.09
N LEU A 41 19.07 -9.71 -4.50
CA LEU A 41 19.88 -8.51 -4.66
C LEU A 41 20.58 -8.27 -3.34
N LYS A 42 21.87 -7.97 -3.38
CA LYS A 42 22.61 -7.61 -2.18
C LYS A 42 21.99 -6.33 -1.64
N THR A 43 21.55 -6.37 -0.38
CA THR A 43 20.76 -5.30 0.21
C THR A 43 21.07 -5.14 1.69
N CYS A 44 21.11 -3.89 2.13
CA CYS A 44 21.31 -3.58 3.52
C CYS A 44 20.33 -2.48 3.93
N VAL A 45 19.89 -2.56 5.19
CA VAL A 45 18.90 -1.63 5.74
C VAL A 45 19.52 -0.92 6.93
N PHE A 46 19.55 0.40 6.87
CA PHE A 46 20.03 1.22 7.99
C PHE A 46 18.89 1.49 8.97
N VAL A 47 18.94 0.82 10.11
CA VAL A 47 17.87 0.88 11.09
C VAL A 47 17.98 2.12 12.00
N GLY A 48 19.20 2.58 12.25
CA GLY A 48 19.46 3.72 13.15
C GLY A 48 19.89 3.29 14.55
N ILE A 49 20.61 4.18 15.24
CA ILE A 49 21.00 4.05 16.66
C ILE A 49 20.23 5.10 17.47
N GLU A 50 20.44 6.38 17.12
CA GLU A 50 19.71 7.49 17.73
C GLU A 50 18.35 7.80 17.07
N HIS A 51 17.95 6.98 16.11
CA HIS A 51 16.60 6.97 15.60
C HIS A 51 16.00 5.61 15.88
N THR A 52 14.70 5.58 16.05
CA THR A 52 13.97 4.33 16.16
C THR A 52 12.63 4.49 15.45
N SER A 53 12.07 3.38 15.00
CA SER A 53 10.76 3.35 14.34
C SER A 53 9.67 3.89 15.26
N GLN A 54 8.72 4.62 14.69
CA GLN A 54 7.63 5.17 15.47
C GLN A 54 6.69 4.10 16.06
N MET A 55 6.70 2.89 15.49
CA MET A 55 5.92 1.79 16.06
C MET A 55 6.36 1.36 17.46
N PHE A 56 7.61 1.65 17.80
CA PHE A 56 8.09 1.39 19.17
C PHE A 56 7.49 2.32 20.24
N THR A 57 6.97 3.49 19.82
CA THR A 57 6.32 4.42 20.76
C THR A 57 4.87 4.04 21.13
N THR A 58 4.24 3.14 20.37
CA THR A 58 2.86 2.73 20.65
C THR A 58 2.78 1.34 21.28
N THR A 59 1.68 1.08 21.99
CA THR A 59 1.46 -0.23 22.63
C THR A 59 0.61 -1.17 21.77
N ASP A 60 -0.70 -0.96 21.70
CA ASP A 60 -1.61 -1.92 21.02
C ASP A 60 -1.92 -1.57 19.57
N VAL A 61 -1.41 -2.36 18.65
CA VAL A 61 -1.71 -2.20 17.24
C VAL A 61 -2.85 -3.15 16.88
N GLU A 62 -3.96 -2.56 16.43
CA GLU A 62 -5.17 -3.30 16.12
C GLU A 62 -5.62 -3.22 14.66
N ASN A 63 -4.86 -2.49 13.82
CA ASN A 63 -5.23 -2.25 12.41
C ASN A 63 -4.20 -2.70 11.39
N PHE A 64 -3.21 -3.50 11.82
CA PHE A 64 -2.28 -4.12 10.89
C PHE A 64 -2.89 -5.46 10.48
N PRO A 65 -3.09 -5.68 9.16
CA PRO A 65 -3.74 -6.90 8.70
C PRO A 65 -3.03 -8.20 9.13
N SER A 66 -3.82 -9.18 9.59
CA SER A 66 -3.40 -10.51 10.09
C SER A 66 -3.14 -10.57 11.60
N HIS A 67 -3.18 -9.42 12.29
CA HIS A 67 -3.08 -9.35 13.75
C HIS A 67 -4.28 -8.64 14.34
N THR A 68 -5.10 -9.39 15.07
CA THR A 68 -6.21 -8.81 15.82
C THR A 68 -5.71 -7.88 16.92
N ALA A 69 -4.69 -8.29 17.63
CA ALA A 69 -4.01 -7.38 18.58
C ALA A 69 -2.57 -7.76 18.68
N ILE A 70 -1.67 -6.82 18.46
CA ILE A 70 -0.24 -7.05 18.64
C ILE A 70 0.43 -5.80 19.15
N LYS A 71 1.47 -5.99 19.96
CA LYS A 71 2.24 -4.86 20.48
C LYS A 71 3.18 -4.31 19.41
N GLY A 72 3.35 -2.99 19.38
CA GLY A 72 4.17 -2.32 18.37
C GLY A 72 5.59 -2.86 18.25
N PRO A 73 6.30 -3.00 19.39
CA PRO A 73 7.64 -3.61 19.41
C PRO A 73 7.66 -5.03 18.90
N ALA A 74 6.68 -5.82 19.32
CA ALA A 74 6.58 -7.22 18.92
C ALA A 74 6.38 -7.34 17.42
N LEU A 75 5.52 -6.48 16.88
CA LEU A 75 5.32 -6.43 15.43
C LEU A 75 6.63 -6.15 14.73
N MET A 76 7.33 -5.12 15.18
CA MET A 76 8.59 -4.72 14.57
C MET A 76 9.65 -5.81 14.67
N GLU A 77 9.72 -6.50 15.80
CA GLU A 77 10.64 -7.62 15.92
C GLU A 77 10.36 -8.71 14.90
N ALA A 78 9.08 -9.05 14.73
CA ALA A 78 8.68 -10.03 13.72
C ALA A 78 9.07 -9.64 12.28
N ILE A 79 8.98 -8.33 11.96
CA ILE A 79 9.29 -7.84 10.62
C ILE A 79 10.82 -7.82 10.42
N GLN A 80 11.54 -7.40 11.46
CA GLN A 80 13.01 -7.37 11.46
C GLN A 80 13.58 -8.76 11.24
N ASN A 81 13.14 -9.72 12.04
CA ASN A 81 13.60 -11.11 11.90
C ASN A 81 13.34 -11.64 10.51
N GLN A 82 12.18 -11.31 9.96
CA GLN A 82 11.79 -11.66 8.59
C GLN A 82 12.80 -11.13 7.57
N ALA A 83 13.05 -9.83 7.60
CA ALA A 83 14.04 -9.21 6.71
C ALA A 83 15.42 -9.84 6.84
N GLU A 84 15.82 -10.12 8.08
CA GLU A 84 17.09 -10.78 8.39
C GLU A 84 17.12 -12.18 7.75
N HIS A 85 16.02 -12.92 7.91
CA HIS A 85 15.84 -14.25 7.33
C HIS A 85 15.79 -14.30 5.80
N CYS A 86 15.20 -13.28 5.17
CA CYS A 86 15.23 -13.15 3.71
C CYS A 86 16.63 -12.82 3.19
N GLY A 87 17.53 -12.38 4.08
CA GLY A 87 18.94 -12.14 3.74
C GLY A 87 19.35 -10.69 3.60
N ALA A 88 18.57 -9.78 4.19
CA ALA A 88 18.92 -8.35 4.22
C ALA A 88 19.83 -8.10 5.40
N GLU A 89 20.89 -7.31 5.17
CA GLU A 89 21.80 -6.94 6.25
C GLU A 89 21.21 -5.75 7.00
N LEU A 90 20.82 -5.97 8.25
CA LEU A 90 20.33 -4.89 9.09
C LEU A 90 21.53 -4.29 9.78
N LEU A 91 21.76 -3.00 9.52
CA LEU A 91 22.80 -2.22 10.19
C LEU A 91 22.12 -1.30 11.17
N TYR A 92 22.47 -1.45 12.44
CA TYR A 92 22.02 -0.53 13.49
C TYR A 92 22.99 0.64 13.55
N GLU A 93 22.84 1.56 12.60
CA GLU A 93 23.69 2.77 12.47
C GLU A 93 22.93 3.93 11.83
N ASP A 94 23.20 5.16 12.29
CA ASP A 94 22.59 6.36 11.71
C ASP A 94 23.31 6.76 10.42
N VAL A 95 22.55 7.32 9.48
CA VAL A 95 23.07 7.85 8.22
C VAL A 95 23.11 9.38 8.35
N HIS A 96 24.26 9.98 8.12
CA HIS A 96 24.46 11.44 8.29
C HIS A 96 24.36 12.25 6.98
N SER A 97 24.72 11.62 5.87
CA SER A 97 24.63 12.26 4.56
C SER A 97 24.63 11.22 3.46
N ILE A 98 24.23 11.67 2.26
CA ILE A 98 24.33 10.84 1.06
C ILE A 98 24.86 11.67 -0.11
N ASP A 99 25.59 10.99 -1.00
CA ASP A 99 26.01 11.57 -2.28
C ASP A 99 25.06 11.00 -3.33
N VAL A 100 24.29 11.89 -3.93
CA VAL A 100 23.33 11.52 -4.95
C VAL A 100 23.71 12.01 -6.37
N SER A 101 24.82 12.73 -6.51
CA SER A 101 25.28 13.27 -7.81
C SER A 101 25.99 12.23 -8.69
N SER A 102 26.55 11.21 -8.07
CA SER A 102 27.34 10.21 -8.78
C SER A 102 26.82 8.82 -8.47
N ARG A 103 27.11 7.89 -9.37
CA ARG A 103 26.77 6.48 -9.17
CA ARG A 103 26.78 6.49 -9.13
C ARG A 103 28.01 5.59 -9.21
N PRO A 104 28.13 4.61 -8.28
CA PRO A 104 27.16 4.30 -7.23
C PRO A 104 26.97 5.42 -6.19
N PHE A 105 25.76 5.47 -5.63
CA PHE A 105 25.41 6.44 -4.59
C PHE A 105 26.20 6.08 -3.35
N LYS A 106 26.59 7.09 -2.57
CA LYS A 106 27.35 6.85 -1.32
C LYS A 106 26.51 7.19 -0.09
N ILE A 107 26.52 6.31 0.91
CA ILE A 107 25.83 6.55 2.20
C ILE A 107 26.88 6.70 3.29
N VAL A 108 26.92 7.88 3.93
CA VAL A 108 27.85 8.11 5.05
C VAL A 108 27.11 7.84 6.37
N HIS A 109 27.61 6.87 7.12
CA HIS A 109 26.93 6.36 8.32
C HIS A 109 27.89 5.95 9.46
N GLY A 110 27.32 5.87 10.66
CA GLY A 110 28.06 5.39 11.84
C GLY A 110 28.86 6.48 12.49
N TYR A 111 29.46 6.15 13.63
CA TYR A 111 30.28 7.12 14.39
C TYR A 111 31.70 7.28 13.83
N GLU A 112 32.17 6.31 13.04
CA GLU A 112 33.46 6.40 12.36
C GLU A 112 33.37 6.92 10.92
N ASN A 113 32.19 7.44 10.53
CA ASN A 113 31.92 7.88 9.16
C ASN A 113 32.43 6.91 8.10
N GLU A 114 31.98 5.66 8.23
CA GLU A 114 32.12 4.67 7.18
C GLU A 114 31.27 5.12 5.98
N THR A 115 31.70 4.76 4.77
CA THR A 115 30.91 4.98 3.56
C THR A 115 30.49 3.63 3.01
N THR A 116 29.25 3.57 2.53
CA THR A 116 28.73 2.41 1.81
C THR A 116 28.29 2.89 0.41
N LEU A 117 28.53 2.05 -0.60
CA LEU A 117 28.12 2.35 -1.97
C LEU A 117 26.87 1.56 -2.30
N ALA A 118 25.90 2.20 -2.96
CA ALA A 118 24.65 1.54 -3.35
C ALA A 118 24.29 1.90 -4.77
N ASP A 119 23.90 0.89 -5.54
CA ASP A 119 23.50 1.11 -6.93
C ASP A 119 22.13 1.76 -7.02
N ALA A 120 21.23 1.39 -6.12
CA ALA A 120 19.94 2.08 -5.95
C ALA A 120 19.74 2.49 -4.49
N LEU A 121 18.99 3.58 -4.28
CA LEU A 121 18.64 4.09 -2.94
C LEU A 121 17.14 4.07 -2.65
N ILE A 122 16.80 3.71 -1.40
CA ILE A 122 15.43 3.78 -0.91
C ILE A 122 15.39 4.53 0.44
N ILE A 123 14.75 5.69 0.45
CA ILE A 123 14.66 6.51 1.66
C ILE A 123 13.34 6.18 2.38
N ALA A 124 13.44 5.79 3.65
CA ALA A 124 12.25 5.46 4.43
C ALA A 124 12.46 5.80 5.89
N THR A 125 12.81 7.05 6.15
CA THR A 125 13.12 7.50 7.51
C THR A 125 11.91 7.90 8.36
N GLY A 126 10.71 7.81 7.79
CA GLY A 126 9.48 8.12 8.51
C GLY A 126 9.30 9.59 8.84
N ALA A 127 8.31 9.84 9.68
CA ALA A 127 7.98 11.17 10.15
C ALA A 127 7.44 11.07 11.57
N THR A 128 8.09 11.79 12.48
CA THR A 128 7.72 11.80 13.90
C THR A 128 6.54 12.74 14.20
N ALA A 129 5.52 12.21 14.86
CA ALA A 129 4.46 13.04 15.41
C ALA A 129 4.98 13.81 16.62
N ARG A 130 4.70 15.11 16.67
CA ARG A 130 5.14 15.96 17.77
C ARG A 130 4.31 15.72 19.02
N ARG A 131 4.99 15.53 20.14
CA ARG A 131 4.37 15.52 21.47
C ARG A 131 4.86 16.77 22.19
N LEU A 132 3.95 17.49 22.85
CA LEU A 132 4.32 18.66 23.66
C LEU A 132 4.40 18.30 25.12
N ASP A 133 5.43 18.77 25.80
CA ASP A 133 5.65 18.46 27.19
C ASP A 133 4.71 19.25 28.10
N CYS A 134 4.17 18.59 29.11
CA CYS A 134 3.45 19.23 30.20
C CYS A 134 3.33 18.21 31.32
N LYS A 135 2.80 18.64 32.46
CA LYS A 135 2.63 17.78 33.62
C LYS A 135 1.74 16.57 33.34
N GLY A 136 2.31 15.37 33.47
CA GLY A 136 1.56 14.13 33.34
C GLY A 136 1.48 13.56 31.93
N GLU A 137 2.08 14.26 30.95
CA GLU A 137 2.08 13.81 29.56
C GLU A 137 2.77 12.47 29.42
N LYS A 138 4.01 12.41 29.92
CA LYS A 138 4.80 11.20 29.84
C LYS A 138 4.28 10.13 30.79
N GLU A 139 3.74 10.55 31.93
CA GLU A 139 3.13 9.65 32.90
C GLU A 139 2.06 8.80 32.21
N TYR A 140 1.15 9.48 31.50
CA TYR A 140 -0.01 8.84 30.86
C TYR A 140 0.12 8.56 29.36
N TRP A 141 1.34 8.58 28.84
CA TRP A 141 1.59 8.17 27.46
C TRP A 141 1.08 6.76 27.26
N GLN A 142 0.30 6.56 26.19
CA GLN A 142 -0.41 5.30 25.94
C GLN A 142 -1.32 4.80 27.09
N LYS A 143 -1.75 5.73 27.95
CA LYS A 143 -2.77 5.47 28.96
C LYS A 143 -3.86 6.54 28.86
N GLY A 144 -4.21 6.90 27.62
CA GLY A 144 -5.10 8.03 27.32
C GLY A 144 -4.43 9.18 26.58
N VAL A 145 -3.10 9.19 26.49
CA VAL A 145 -2.37 10.21 25.73
C VAL A 145 -1.79 9.55 24.47
N SER A 146 -1.95 10.21 23.33
CA SER A 146 -1.60 9.66 22.02
C SER A 146 -1.43 10.75 20.97
N ALA A 147 -0.89 10.37 19.82
CA ALA A 147 -0.73 11.30 18.69
C ALA A 147 -1.41 10.84 17.39
N CYS A 148 -2.09 9.70 17.41
CA CYS A 148 -2.82 9.19 16.24
C CYS A 148 -4.19 8.71 16.66
N ALA A 149 -5.22 9.43 16.24
CA ALA A 149 -6.62 9.13 16.62
C ALA A 149 -7.12 7.88 15.93
N VAL A 150 -6.74 7.72 14.66
CA VAL A 150 -7.07 6.52 13.87
C VAL A 150 -6.47 5.26 14.53
N CYS A 151 -5.26 5.40 15.02
CA CYS A 151 -4.52 4.30 15.60
C CYS A 151 -4.95 3.92 17.01
N ASP A 152 -5.24 4.91 17.84
CA ASP A 152 -5.52 4.71 19.27
C ASP A 152 -6.94 5.15 19.69
N SER A 153 -7.91 5.00 18.78
CA SER A 153 -9.32 5.33 19.09
C SER A 153 -9.92 4.54 20.27
N ALA A 154 -9.33 3.39 20.63
CA ALA A 154 -9.72 2.65 21.85
C ALA A 154 -9.64 3.44 23.17
N MET A 155 -8.74 4.43 23.23
CA MET A 155 -8.62 5.30 24.39
C MET A 155 -9.80 6.30 24.48
N ALA A 156 -10.40 6.61 23.33
CA ALA A 156 -11.45 7.63 23.21
C ALA A 156 -12.89 7.12 23.37
N THR A 157 -13.10 5.82 23.22
CA THR A 157 -14.46 5.28 23.07
C THR A 157 -15.36 5.57 24.29
N GLY A 158 -16.45 6.29 24.04
CA GLY A 158 -17.44 6.58 25.07
C GLY A 158 -17.03 7.64 26.08
N LYS A 159 -15.99 8.40 25.75
CA LYS A 159 -15.40 9.37 26.66
C LYS A 159 -15.34 10.71 25.95
N GLU A 160 -15.11 11.77 26.73
CA GLU A 160 -14.80 13.07 26.17
C GLU A 160 -13.30 13.05 25.99
N VAL A 161 -12.83 13.66 24.91
CA VAL A 161 -11.40 13.69 24.65
C VAL A 161 -10.98 15.08 24.21
N VAL A 162 -9.68 15.31 24.23
CA VAL A 162 -9.08 16.53 23.76
C VAL A 162 -8.25 16.22 22.52
N VAL A 163 -8.35 17.09 21.52
CA VAL A 163 -7.44 17.13 20.39
C VAL A 163 -6.70 18.45 20.50
N VAL A 164 -5.37 18.43 20.43
CA VAL A 164 -4.56 19.65 20.48
C VAL A 164 -4.02 19.95 19.10
N GLY A 165 -4.11 21.23 18.68
CA GLY A 165 -3.64 21.68 17.38
C GLY A 165 -4.69 22.46 16.63
N GLY A 166 -4.23 23.26 15.66
CA GLY A 166 -5.08 24.08 14.79
C GLY A 166 -4.88 23.92 13.29
N GLY A 167 -4.27 22.82 12.85
CA GLY A 167 -4.01 22.57 11.44
C GLY A 167 -5.11 21.72 10.81
N ASP A 168 -4.86 21.27 9.58
CA ASP A 168 -5.76 20.31 8.91
C ASP A 168 -5.83 18.97 9.64
N VAL A 169 -4.70 18.48 10.12
CA VAL A 169 -4.63 17.18 10.83
C VAL A 169 -5.47 17.19 12.11
N ALA A 170 -5.33 18.24 12.92
CA ALA A 170 -6.18 18.43 14.10
C ALA A 170 -7.67 18.46 13.77
N CYS A 171 -8.02 19.09 12.65
CA CYS A 171 -9.41 19.12 12.19
C CYS A 171 -9.93 17.76 11.76
N GLU A 172 -9.10 17.00 11.03
CA GLU A 172 -9.41 15.63 10.61
C GLU A 172 -9.53 14.68 11.81
N GLU A 173 -8.56 14.74 12.70
CA GLU A 173 -8.51 13.86 13.87
C GLU A 173 -9.70 14.10 14.83
N ALA A 174 -10.07 15.36 15.02
CA ALA A 174 -11.23 15.73 15.81
C ALA A 174 -12.56 15.27 15.16
N THR A 175 -12.65 15.40 13.85
CA THR A 175 -13.79 14.93 13.07
C THR A 175 -13.93 13.40 13.10
N TYR A 176 -12.79 12.72 12.95
CA TYR A 176 -12.73 11.26 13.04
C TYR A 176 -13.18 10.77 14.44
N LEU A 177 -12.85 11.56 15.47
CA LEU A 177 -13.19 11.19 16.85
C LEU A 177 -14.65 11.42 17.27
N THR A 178 -15.41 12.27 16.61
CA THR A 178 -16.83 12.49 17.01
C THR A 178 -17.74 11.25 16.87
N LYS A 179 -17.34 10.32 16.00
CA LYS A 179 -18.06 9.06 15.81
C LYS A 179 -17.74 8.08 16.93
N ILE A 180 -16.61 8.27 17.60
CA ILE A 180 -16.11 7.33 18.62
C ILE A 180 -16.31 7.84 20.04
N ALA A 181 -15.99 9.11 20.26
CA ALA A 181 -16.08 9.74 21.57
C ALA A 181 -17.40 10.52 21.70
N THR A 182 -17.81 10.76 22.95
CA THR A 182 -19.05 11.49 23.22
C THR A 182 -18.90 12.99 22.98
N LYS A 183 -17.71 13.52 23.24
CA LYS A 183 -17.42 14.93 23.00
C LYS A 183 -15.93 15.11 22.70
N VAL A 184 -15.63 16.06 21.82
CA VAL A 184 -14.26 16.39 21.47
C VAL A 184 -13.95 17.86 21.80
N TYR A 185 -12.85 18.09 22.51
CA TYR A 185 -12.34 19.44 22.76
C TYR A 185 -11.13 19.71 21.87
N MET A 186 -11.23 20.71 21.01
CA MET A 186 -10.08 21.19 20.26
C MET A 186 -9.46 22.35 21.00
N VAL A 187 -8.18 22.20 21.36
CA VAL A 187 -7.45 23.23 22.09
C VAL A 187 -6.37 23.86 21.20
N LEU A 188 -6.56 25.15 20.92
CA LEU A 188 -5.69 25.93 20.04
C LEU A 188 -4.87 26.94 20.86
N ARG A 189 -3.55 26.88 20.69
CA ARG A 189 -2.60 27.86 21.25
C ARG A 189 -2.85 29.28 20.74
N ARG A 190 -3.17 29.39 19.45
CA ARG A 190 -3.42 30.67 18.81
C ARG A 190 -4.90 31.07 18.95
N ASP A 191 -5.23 32.26 18.42
CA ASP A 191 -6.63 32.73 18.27
C ASP A 191 -7.30 32.33 16.95
N LYS A 192 -6.56 31.66 16.06
CA LYS A 192 -7.01 31.35 14.71
C LYS A 192 -6.50 29.97 14.25
N PHE A 193 -7.31 29.27 13.47
CA PHE A 193 -6.87 28.06 12.77
C PHE A 193 -5.88 28.40 11.66
N ARG A 194 -5.04 27.43 11.33
CA ARG A 194 -4.11 27.54 10.20
C ARG A 194 -4.43 26.39 9.27
N ALA A 195 -5.71 26.32 8.90
CA ALA A 195 -6.28 25.19 8.18
C ALA A 195 -7.15 25.69 7.04
N SER A 196 -7.52 24.76 6.15
CA SER A 196 -8.39 25.06 5.02
C SER A 196 -9.69 25.67 5.48
N ALA A 197 -10.25 26.55 4.68
CA ALA A 197 -11.57 27.14 4.95
C ALA A 197 -12.63 26.04 5.12
N ALA A 198 -12.54 24.98 4.31
CA ALA A 198 -13.47 23.84 4.37
C ALA A 198 -13.47 23.13 5.73
N MET A 199 -12.27 22.87 6.25
CA MET A 199 -12.10 22.19 7.54
C MET A 199 -12.56 23.03 8.72
N VAL A 200 -12.29 24.33 8.66
CA VAL A 200 -12.67 25.27 9.73
C VAL A 200 -14.18 25.38 9.82
N LYS A 201 -14.85 25.44 8.67
CA LYS A 201 -16.32 25.48 8.60
C LYS A 201 -16.95 24.21 9.20
N LYS A 202 -16.47 23.06 8.73
CA LYS A 202 -16.89 21.74 9.24
C LYS A 202 -16.74 21.61 10.76
N VAL A 203 -15.56 21.96 11.24
CA VAL A 203 -15.24 21.86 12.67
C VAL A 203 -16.10 22.81 13.54
N MET A 204 -16.33 24.03 13.06
CA MET A 204 -17.16 25.01 13.79
C MET A 204 -18.65 24.72 13.72
N ASN A 205 -19.12 24.08 12.66
CA ASN A 205 -20.52 23.63 12.57
C ASN A 205 -20.80 22.25 13.19
N GLU A 206 -19.77 21.59 13.72
CA GLU A 206 -19.93 20.29 14.40
C GLU A 206 -20.35 20.48 15.86
N LYS A 207 -21.54 19.98 16.19
CA LYS A 207 -22.13 20.17 17.52
C LYS A 207 -21.42 19.36 18.61
N LEU A 208 -20.70 18.30 18.21
CA LEU A 208 -19.92 17.47 19.13
C LEU A 208 -18.52 18.00 19.45
N ILE A 209 -18.12 19.12 18.85
CA ILE A 209 -16.82 19.74 19.12
C ILE A 209 -17.01 21.08 19.80
N GLU A 210 -16.26 21.33 20.87
CA GLU A 210 -16.08 22.67 21.41
C GLU A 210 -14.66 23.12 21.08
N ILE A 211 -14.53 24.31 20.50
CA ILE A 211 -13.22 24.88 20.14
C ILE A 211 -12.78 25.87 21.22
N ILE A 212 -11.54 25.72 21.69
CA ILE A 212 -10.94 26.58 22.70
C ILE A 212 -9.73 27.28 22.09
N TYR A 213 -9.73 28.61 22.14
CA TYR A 213 -8.63 29.40 21.60
C TYR A 213 -7.74 29.92 22.72
N ASP A 214 -6.54 30.36 22.33
CA ASP A 214 -5.60 31.05 23.21
C ASP A 214 -5.26 30.26 24.46
N SER A 215 -5.14 28.94 24.34
CA SER A 215 -4.96 28.10 25.52
C SER A 215 -3.99 26.97 25.23
N ALA A 216 -3.31 26.53 26.28
CA ALA A 216 -2.37 25.42 26.21
C ALA A 216 -2.73 24.39 27.26
N ILE A 217 -2.14 23.21 27.13
CA ILE A 217 -2.40 22.12 28.06
C ILE A 217 -1.54 22.31 29.29
N ASP A 218 -2.18 22.60 30.43
CA ASP A 218 -1.48 22.76 31.73
C ASP A 218 -1.07 21.44 32.35
N GLU A 219 -2.01 20.50 32.48
CA GLU A 219 -1.80 19.25 33.20
C GLU A 219 -2.72 18.13 32.72
N ILE A 220 -2.13 16.96 32.46
CA ILE A 220 -2.88 15.74 32.15
C ILE A 220 -3.03 15.00 33.47
N LYS A 221 -4.27 14.67 33.85
CA LYS A 221 -4.58 14.08 35.15
C LYS A 221 -5.28 12.73 35.00
N GLY A 222 -4.98 11.82 35.93
CA GLY A 222 -5.53 10.46 35.92
C GLY A 222 -5.68 9.82 37.28
N ASP A 223 -5.89 8.51 37.26
CA ASP A 223 -6.10 7.73 38.48
C ASP A 223 -5.02 6.66 38.69
N GLY A 224 -3.97 6.70 37.86
CA GLY A 224 -2.90 5.71 37.89
C GLY A 224 -2.94 4.76 36.71
N LYS A 225 -4.14 4.35 36.31
CA LYS A 225 -4.34 3.45 35.16
C LYS A 225 -4.66 4.21 33.85
N CYS A 226 -5.39 5.32 33.95
CA CYS A 226 -5.91 6.01 32.78
C CYS A 226 -6.14 7.51 33.03
N VAL A 227 -6.13 8.31 31.96
CA VAL A 227 -6.44 9.74 32.01
C VAL A 227 -7.91 9.91 32.36
N THR A 228 -8.18 10.85 33.26
CA THR A 228 -9.53 11.16 33.73
C THR A 228 -9.87 12.65 33.70
N SER A 229 -8.87 13.53 33.49
CA SER A 229 -9.12 14.95 33.25
C SER A 229 -7.90 15.67 32.67
N VAL A 230 -8.16 16.76 31.93
CA VAL A 230 -7.11 17.60 31.37
C VAL A 230 -7.37 19.05 31.79
N SER A 231 -6.32 19.66 32.34
CA SER A 231 -6.35 21.03 32.81
C SER A 231 -5.79 21.92 31.70
N ILE A 232 -6.50 23.01 31.43
CA ILE A 232 -6.24 23.94 30.32
C ILE A 232 -5.95 25.31 30.93
N LYS A 233 -4.89 25.98 30.49
CA LYS A 233 -4.60 27.36 30.94
C LYS A 233 -4.63 28.33 29.77
N ASN A 234 -5.39 29.41 29.94
CA ASN A 234 -5.45 30.46 28.93
C ASN A 234 -4.12 31.21 28.92
N LEU A 235 -3.66 31.59 27.73
CA LEU A 235 -2.35 32.24 27.56
C LEU A 235 -2.41 33.75 27.72
N LYS A 236 -3.54 34.38 27.38
CA LYS A 236 -3.71 35.83 27.47
C LYS A 236 -3.83 36.29 28.93
N ASP A 237 -4.84 35.75 29.65
CA ASP A 237 -5.14 36.15 31.03
C ASP A 237 -4.57 35.21 32.12
N GLY A 238 -4.03 34.07 31.72
CA GLY A 238 -3.51 33.08 32.66
C GLY A 238 -4.57 32.25 33.36
N LYS A 239 -5.85 32.49 33.08
CA LYS A 239 -6.95 31.81 33.80
C LYS A 239 -6.90 30.34 33.45
N THR A 240 -7.17 29.52 34.44
CA THR A 240 -7.12 28.09 34.29
C THR A 240 -8.54 27.54 34.16
N ARG A 241 -8.66 26.48 33.39
CA ARG A 241 -9.92 25.80 33.18
C ARG A 241 -9.63 24.31 33.20
N THR A 242 -10.57 23.50 33.67
CA THR A 242 -10.38 22.05 33.74
C THR A 242 -11.47 21.35 32.92
N LEU A 243 -11.04 20.46 32.02
CA LEU A 243 -11.93 19.72 31.12
C LEU A 243 -12.09 18.30 31.61
N ASN A 244 -13.30 17.76 31.46
CA ASN A 244 -13.57 16.38 31.85
C ASN A 244 -13.26 15.39 30.73
N ALA A 245 -11.99 15.27 30.39
CA ALA A 245 -11.57 14.46 29.25
C ALA A 245 -10.92 13.16 29.71
N GLY A 246 -11.26 12.08 29.03
CA GLY A 246 -10.66 10.77 29.28
C GLY A 246 -9.50 10.40 28.34
N ALA A 247 -9.24 11.25 27.35
CA ALA A 247 -8.06 11.10 26.48
C ALA A 247 -7.62 12.43 25.91
N LEU A 248 -6.34 12.50 25.54
CA LEU A 248 -5.77 13.66 24.87
C LEU A 248 -4.98 13.20 23.64
N TYR A 249 -5.15 13.94 22.53
CA TYR A 249 -4.54 13.61 21.26
C TYR A 249 -3.72 14.78 20.72
N TRP A 250 -2.42 14.55 20.55
CA TRP A 250 -1.54 15.54 19.92
C TRP A 250 -1.70 15.55 18.42
N ALA A 251 -2.14 16.69 17.88
CA ALA A 251 -2.25 16.87 16.44
C ALA A 251 -1.68 18.22 16.06
N VAL A 252 -0.41 18.45 16.44
CA VAL A 252 0.28 19.72 16.17
C VAL A 252 1.42 19.56 15.18
N GLY A 253 1.38 18.51 14.36
CA GLY A 253 2.33 18.37 13.26
C GLY A 253 3.25 17.17 13.35
N HIS A 254 3.84 16.87 12.21
CA HIS A 254 4.76 15.77 12.04
C HIS A 254 6.09 16.31 11.53
N ASP A 255 7.17 15.66 11.92
CA ASP A 255 8.53 16.04 11.54
C ASP A 255 9.12 14.93 10.67
N PRO A 256 9.09 15.11 9.33
CA PRO A 256 9.78 14.16 8.45
C PRO A 256 11.25 14.05 8.84
N GLN A 257 11.75 12.83 8.97
CA GLN A 257 13.13 12.59 9.39
C GLN A 257 14.07 12.63 8.19
N THR A 258 14.17 13.81 7.58
CA THR A 258 14.91 14.03 6.34
C THR A 258 16.04 15.05 6.54
N SER A 259 16.53 15.16 7.77
CA SER A 259 17.55 16.18 8.08
C SER A 259 18.92 15.80 7.50
N PHE A 260 19.19 14.50 7.38
CA PHE A 260 20.42 14.00 6.75
C PHE A 260 20.58 14.41 5.27
N LEU A 261 19.46 14.70 4.61
CA LEU A 261 19.48 15.33 3.29
C LEU A 261 19.87 16.79 3.42
N LYS A 262 20.64 17.28 2.45
CA LYS A 262 20.82 18.71 2.25
C LYS A 262 19.73 19.19 1.33
N LYS A 263 19.04 20.25 1.74
CA LYS A 263 18.01 20.85 0.91
C LYS A 263 18.57 21.04 -0.50
N GLY A 264 17.77 20.71 -1.51
CA GLY A 264 18.21 20.77 -2.91
C GLY A 264 18.57 19.43 -3.53
N GLN A 265 19.14 18.52 -2.73
CA GLN A 265 19.50 17.17 -3.22
C GLN A 265 18.30 16.43 -3.81
N LEU A 266 17.19 16.44 -3.07
CA LEU A 266 15.91 15.86 -3.49
C LEU A 266 14.82 16.94 -3.39
N GLU A 267 13.82 16.88 -4.26
CA GLU A 267 12.67 17.80 -4.16
C GLU A 267 11.86 17.52 -2.91
N GLN A 268 11.51 18.57 -2.16
CA GLN A 268 10.73 18.41 -0.95
C GLN A 268 9.71 19.51 -0.72
N ASP A 269 8.74 19.17 0.14
CA ASP A 269 7.80 20.12 0.78
C ASP A 269 8.53 21.17 1.63
N GLU A 270 7.80 22.20 2.02
CA GLU A 270 8.24 23.14 3.06
C GLU A 270 8.43 22.39 4.38
N ALA A 271 7.47 21.52 4.70
CA ALA A 271 7.58 20.63 5.86
C ALA A 271 8.76 19.65 5.80
N GLY A 272 9.23 19.31 4.59
CA GLY A 272 10.41 18.45 4.40
C GLY A 272 10.11 17.05 3.90
N TYR A 273 8.83 16.77 3.61
CA TYR A 273 8.45 15.50 2.98
C TYR A 273 9.10 15.39 1.61
N ILE A 274 9.63 14.20 1.28
CA ILE A 274 10.20 13.95 -0.04
C ILE A 274 9.04 13.83 -1.03
N LEU A 275 9.07 14.61 -2.11
CA LEU A 275 7.99 14.58 -3.09
C LEU A 275 8.16 13.41 -4.05
N LEU A 276 7.04 12.75 -4.34
CA LEU A 276 6.99 11.67 -5.32
C LEU A 276 6.59 12.28 -6.66
N LYS A 277 7.34 11.93 -7.71
CA LYS A 277 7.27 12.63 -9.01
C LYS A 277 6.62 11.84 -10.14
N ASP A 278 6.29 10.56 -9.92
CA ASP A 278 5.72 9.75 -10.97
C ASP A 278 4.71 8.76 -10.37
N HIS A 279 3.53 9.27 -10.04
CA HIS A 279 2.48 8.42 -9.45
C HIS A 279 2.00 7.37 -10.47
N PRO A 280 1.64 6.17 -10.00
CA PRO A 280 1.64 5.77 -8.59
C PRO A 280 2.96 5.15 -8.09
N THR A 281 4.09 5.48 -8.72
CA THR A 281 5.36 4.87 -8.32
C THR A 281 5.94 5.55 -7.09
N GLN A 282 7.05 4.98 -6.60
CA GLN A 282 7.84 5.57 -5.51
C GLN A 282 9.02 6.43 -5.99
N ARG A 283 8.97 6.92 -7.22
CA ARG A 283 10.07 7.68 -7.80
C ARG A 283 10.19 9.09 -7.23
N THR A 284 11.42 9.46 -6.86
CA THR A 284 11.78 10.81 -6.40
C THR A 284 12.26 11.65 -7.60
N SER A 285 12.72 12.87 -7.32
CA SER A 285 13.27 13.77 -8.35
C SER A 285 14.61 13.31 -8.96
N VAL A 286 15.34 12.43 -8.29
CA VAL A 286 16.59 11.87 -8.79
C VAL A 286 16.39 10.42 -9.22
N ASP A 287 16.73 10.11 -10.48
CA ASP A 287 16.60 8.74 -10.98
CA ASP A 287 16.61 8.74 -10.99
C ASP A 287 17.57 7.80 -10.26
N GLY A 288 17.07 6.62 -9.88
CA GLY A 288 17.81 5.66 -9.04
C GLY A 288 17.51 5.75 -7.56
N VAL A 289 16.80 6.80 -7.13
CA VAL A 289 16.45 7.00 -5.73
C VAL A 289 14.92 6.98 -5.55
N PHE A 290 14.48 6.16 -4.61
CA PHE A 290 13.05 5.97 -4.33
C PHE A 290 12.82 6.24 -2.86
N ALA A 291 11.61 6.70 -2.54
CA ALA A 291 11.23 6.96 -1.15
C ALA A 291 9.95 6.21 -0.82
N ALA A 292 9.90 5.64 0.39
CA ALA A 292 8.73 4.88 0.85
C ALA A 292 8.35 5.33 2.25
N GLY A 293 7.10 5.08 2.62
CA GLY A 293 6.61 5.37 3.97
C GLY A 293 6.41 6.85 4.29
N ASP A 294 6.42 7.16 5.58
CA ASP A 294 5.97 8.48 6.07
C ASP A 294 6.93 9.62 5.81
N CYS A 295 8.15 9.36 5.34
CA CYS A 295 9.06 10.43 4.93
C CYS A 295 8.60 11.07 3.62
N CYS A 296 7.69 10.41 2.89
CA CYS A 296 7.06 10.99 1.70
C CYS A 296 5.51 10.96 1.72
N ASP A 297 4.90 10.62 2.84
CA ASP A 297 3.43 10.61 2.95
C ASP A 297 2.97 11.35 4.21
N HIS A 298 2.32 12.48 4.01
CA HIS A 298 1.67 13.21 5.11
C HIS A 298 0.17 12.97 5.17
N LEU A 299 -0.37 12.12 4.30
CA LEU A 299 -1.82 11.94 4.20
C LEU A 299 -2.39 10.79 5.01
N TYR A 300 -1.77 9.61 4.92
CA TYR A 300 -2.33 8.39 5.51
C TYR A 300 -1.65 8.00 6.82
N ARG A 301 -0.33 7.86 6.80
CA ARG A 301 0.46 7.68 8.01
C ARG A 301 0.02 6.43 8.76
N GLN A 302 0.04 5.31 8.06
CA GLN A 302 -0.26 4.03 8.66
C GLN A 302 0.85 3.05 8.33
N ALA A 303 1.02 2.07 9.21
CA ALA A 303 2.07 1.07 9.07
C ALA A 303 1.82 0.22 7.83
N VAL A 304 0.58 -0.22 7.64
CA VAL A 304 0.25 -1.06 6.48
C VAL A 304 0.45 -0.30 5.16
N VAL A 305 0.08 0.98 5.13
CA VAL A 305 0.30 1.82 3.97
C VAL A 305 1.79 1.99 3.66
N ALA A 306 2.55 2.24 4.72
CA ALA A 306 4.00 2.40 4.65
C ALA A 306 4.68 1.15 4.14
N ALA A 307 4.32 -0.01 4.71
CA ALA A 307 4.86 -1.29 4.24
C ALA A 307 4.53 -1.54 2.76
N GLY A 308 3.31 -1.18 2.37
CA GLY A 308 2.88 -1.26 0.98
C GLY A 308 3.79 -0.45 0.10
N SER A 309 4.04 0.79 0.47
CA SER A 309 4.92 1.64 -0.34
C SER A 309 6.38 1.14 -0.38
N GLY A 310 6.83 0.47 0.68
CA GLY A 310 8.17 -0.12 0.72
C GLY A 310 8.37 -1.21 -0.32
N SER A 311 7.39 -2.11 -0.42
CA SER A 311 7.32 -3.12 -1.49
C SER A 311 7.36 -2.49 -2.87
N LYS A 312 6.50 -1.50 -3.08
CA LYS A 312 6.48 -0.76 -4.36
C LYS A 312 7.83 -0.12 -4.70
N ALA A 313 8.50 0.42 -3.69
CA ALA A 313 9.82 1.02 -3.84
C ALA A 313 10.89 -0.02 -4.26
N ALA A 314 10.91 -1.16 -3.56
CA ALA A 314 11.86 -2.25 -3.87
C ALA A 314 11.65 -2.86 -5.27
N LEU A 315 10.39 -2.93 -5.70
CA LEU A 315 10.05 -3.36 -7.05
C LEU A 315 10.41 -2.30 -8.09
N ASP A 316 10.23 -1.02 -7.76
CA ASP A 316 10.70 0.07 -8.63
C ASP A 316 12.24 0.03 -8.82
N ALA A 317 12.95 -0.30 -7.76
CA ALA A 317 14.40 -0.38 -7.79
C ALA A 317 14.89 -1.54 -8.63
N GLU A 318 14.27 -2.70 -8.48
CA GLU A 318 14.63 -3.90 -9.23
C GLU A 318 14.40 -3.70 -10.73
N ARG A 319 13.24 -3.14 -11.05
CA ARG A 319 12.88 -2.78 -12.41
C ARG A 319 13.90 -1.81 -13.00
N TRP A 320 14.22 -0.77 -12.23
CA TRP A 320 15.21 0.24 -12.64
C TRP A 320 16.61 -0.38 -12.85
N LEU A 321 17.00 -1.32 -11.98
CA LEU A 321 18.30 -2.00 -12.11
C LEU A 321 18.44 -2.92 -13.34
N ALA A 322 17.34 -3.43 -13.90
CA ALA A 322 17.37 -4.01 -15.26
C ALA A 322 17.46 -2.85 -16.24
N MET A 323 18.68 -2.35 -16.42
CA MET A 323 18.91 -1.01 -17.00
C MET A 323 18.43 -0.87 -18.43
N THR B 14 -34.68 -5.92 7.61
CA THR B 14 -35.05 -5.93 6.15
C THR B 14 -33.98 -5.23 5.26
N GLN B 15 -34.16 -3.95 4.90
CA GLN B 15 -33.23 -3.26 3.98
C GLN B 15 -31.92 -2.85 4.66
N ARG B 16 -30.78 -3.28 4.11
CA ARG B 16 -29.46 -2.95 4.64
C ARG B 16 -28.93 -1.66 4.05
N HIS B 17 -28.60 -0.72 4.93
CA HIS B 17 -27.95 0.52 4.58
C HIS B 17 -26.63 0.59 5.35
N VAL B 18 -25.53 0.70 4.64
CA VAL B 18 -24.20 0.87 5.25
C VAL B 18 -23.64 2.23 4.92
N ARG B 19 -22.73 2.71 5.76
CA ARG B 19 -21.95 3.90 5.45
C ARG B 19 -20.94 3.55 4.35
N ILE B 20 -20.28 2.39 4.49
CA ILE B 20 -19.27 1.93 3.52
C ILE B 20 -19.57 0.52 3.03
N GLY B 21 -19.71 0.35 1.71
CA GLY B 21 -19.92 -0.95 1.10
C GLY B 21 -18.67 -1.37 0.35
N ILE B 22 -18.12 -2.53 0.69
CA ILE B 22 -16.84 -2.96 0.14
C ILE B 22 -17.05 -4.22 -0.69
N ILE B 23 -16.68 -4.17 -1.96
CA ILE B 23 -16.92 -5.28 -2.87
C ILE B 23 -15.59 -5.96 -3.11
N GLY B 24 -15.39 -7.09 -2.43
CA GLY B 24 -14.15 -7.84 -2.50
C GLY B 24 -13.68 -8.15 -1.10
N GLY B 25 -13.30 -9.40 -0.85
CA GLY B 25 -12.84 -9.82 0.47
C GLY B 25 -11.41 -10.36 0.45
N GLY B 26 -10.55 -9.72 -0.33
CA GLY B 26 -9.13 -10.06 -0.35
C GLY B 26 -8.39 -9.18 0.64
N PRO B 27 -7.05 -9.11 0.51
CA PRO B 27 -6.26 -8.20 1.32
C PRO B 27 -6.70 -6.73 1.28
N ALA B 28 -6.94 -6.20 0.09
CA ALA B 28 -7.41 -4.81 -0.04
C ALA B 28 -8.77 -4.63 0.63
N GLY B 29 -9.71 -5.50 0.28
CA GLY B 29 -11.07 -5.39 0.78
C GLY B 29 -11.21 -5.59 2.27
N LEU B 30 -10.52 -6.60 2.81
CA LEU B 30 -10.59 -6.90 4.23
C LEU B 30 -9.90 -5.81 5.04
N THR B 31 -8.71 -5.38 4.61
CA THR B 31 -8.01 -4.24 5.23
C THR B 31 -8.88 -2.98 5.24
N ALA B 32 -9.53 -2.68 4.11
CA ALA B 32 -10.51 -1.60 4.06
C ALA B 32 -11.61 -1.76 5.11
N GLY B 33 -12.13 -2.99 5.23
CA GLY B 33 -13.11 -3.34 6.26
C GLY B 33 -12.63 -3.08 7.68
N ILE B 34 -11.35 -3.34 7.92
CA ILE B 34 -10.74 -3.11 9.24
C ILE B 34 -10.83 -1.61 9.59
N TYR B 35 -10.41 -0.77 8.65
CA TYR B 35 -10.31 0.65 8.90
C TYR B 35 -11.68 1.31 8.96
N ALA B 36 -12.53 0.99 7.99
CA ALA B 36 -13.91 1.49 7.97
C ALA B 36 -14.70 1.11 9.22
N SER B 37 -14.58 -0.15 9.66
CA SER B 37 -15.29 -0.62 10.87
C SER B 37 -14.76 0.01 12.15
N ARG B 38 -13.42 0.15 12.25
CA ARG B 38 -12.78 0.84 13.39
C ARG B 38 -13.08 2.34 13.47
N ALA B 39 -13.42 2.95 12.34
CA ALA B 39 -13.91 4.34 12.32
C ALA B 39 -15.31 4.49 12.90
N ASN B 40 -15.95 3.36 13.24
CA ASN B 40 -17.31 3.32 13.76
C ASN B 40 -18.33 3.75 12.69
N LEU B 41 -18.02 3.39 11.45
CA LEU B 41 -18.92 3.56 10.32
C LEU B 41 -19.46 2.18 10.00
N LYS B 42 -20.78 2.06 9.90
CA LYS B 42 -21.38 0.78 9.59
C LYS B 42 -20.82 0.34 8.24
N THR B 43 -20.35 -0.90 8.20
CA THR B 43 -19.53 -1.40 7.11
C THR B 43 -19.87 -2.85 6.86
N CYS B 44 -19.98 -3.19 5.58
CA CYS B 44 -20.05 -4.58 5.17
C CYS B 44 -19.09 -4.85 4.03
N VAL B 45 -18.61 -6.08 3.97
CA VAL B 45 -17.66 -6.54 2.97
C VAL B 45 -18.28 -7.76 2.31
N PHE B 46 -18.36 -7.71 0.97
CA PHE B 46 -18.85 -8.82 0.17
C PHE B 46 -17.67 -9.67 -0.26
N VAL B 47 -17.58 -10.86 0.32
CA VAL B 47 -16.42 -11.72 0.14
C VAL B 47 -16.52 -12.53 -1.17
N GLY B 48 -17.73 -12.81 -1.64
CA GLY B 48 -17.95 -13.66 -2.81
C GLY B 48 -18.16 -15.13 -2.46
N ILE B 49 -18.68 -15.87 -3.43
CA ILE B 49 -18.91 -17.32 -3.31
C ILE B 49 -18.36 -18.01 -4.57
N GLU B 50 -18.74 -17.55 -5.76
CA GLU B 50 -18.11 -18.00 -7.01
C GLU B 50 -16.71 -17.43 -7.17
N HIS B 51 -16.49 -16.21 -6.69
CA HIS B 51 -15.17 -15.59 -6.67
C HIS B 51 -14.46 -15.93 -5.36
N THR B 52 -13.13 -16.06 -5.42
CA THR B 52 -12.27 -16.21 -4.22
C THR B 52 -11.05 -15.32 -4.36
N SER B 53 -10.30 -15.17 -3.28
CA SER B 53 -9.06 -14.40 -3.31
C SER B 53 -7.97 -15.20 -4.01
N GLN B 54 -7.18 -14.50 -4.82
CA GLN B 54 -5.94 -15.05 -5.36
C GLN B 54 -5.01 -15.63 -4.27
N MET B 55 -5.10 -15.16 -3.04
CA MET B 55 -4.27 -15.68 -1.96
C MET B 55 -4.55 -17.14 -1.56
N PHE B 56 -5.80 -17.60 -1.70
CA PHE B 56 -6.12 -19.01 -1.40
C PHE B 56 -5.42 -19.98 -2.34
N THR B 57 -5.28 -19.59 -3.61
CA THR B 57 -4.60 -20.44 -4.61
C THR B 57 -3.08 -20.59 -4.33
N THR B 58 -2.41 -19.56 -3.82
CA THR B 58 -0.97 -19.65 -3.51
C THR B 58 -0.68 -20.46 -2.24
N THR B 59 0.36 -21.27 -2.31
CA THR B 59 0.68 -22.17 -1.22
C THR B 59 1.46 -21.51 -0.06
N ASP B 60 2.64 -20.94 -0.34
CA ASP B 60 3.55 -20.43 0.69
C ASP B 60 3.77 -18.94 0.50
N VAL B 61 3.45 -18.15 1.53
CA VAL B 61 3.60 -16.68 1.48
C VAL B 61 4.75 -16.32 2.39
N GLU B 62 5.78 -15.72 1.80
CA GLU B 62 7.02 -15.41 2.51
C GLU B 62 7.33 -13.91 2.57
N ASN B 63 6.54 -13.09 1.88
CA ASN B 63 6.83 -11.68 1.74
C ASN B 63 5.71 -10.75 2.29
N PHE B 64 4.90 -11.27 3.23
CA PHE B 64 3.94 -10.45 3.96
C PHE B 64 4.55 -10.06 5.30
N PRO B 65 4.67 -8.75 5.55
CA PRO B 65 5.40 -8.26 6.72
C PRO B 65 4.85 -8.85 8.03
N SER B 66 5.76 -9.33 8.88
CA SER B 66 5.50 -9.96 10.20
C SER B 66 5.34 -11.49 10.17
N HIS B 67 5.45 -12.10 9.00
CA HIS B 67 5.37 -13.56 8.88
C HIS B 67 6.56 -14.03 8.06
N THR B 68 7.46 -14.81 8.67
CA THR B 68 8.58 -15.39 7.94
C THR B 68 8.02 -16.31 6.90
N ALA B 69 7.12 -17.19 7.33
CA ALA B 69 6.36 -18.04 6.43
C ALA B 69 4.92 -18.21 6.92
N ILE B 70 3.97 -18.14 5.99
CA ILE B 70 2.57 -18.39 6.28
C ILE B 70 1.84 -18.89 5.04
N LYS B 71 0.88 -19.81 5.25
CA LYS B 71 0.02 -20.29 4.17
C LYS B 71 -1.02 -19.22 3.83
N GLY B 72 -1.26 -19.04 2.54
CA GLY B 72 -2.29 -18.11 2.06
C GLY B 72 -3.65 -18.24 2.75
N PRO B 73 -4.22 -19.46 2.76
CA PRO B 73 -5.46 -19.70 3.50
C PRO B 73 -5.42 -19.27 4.96
N ALA B 74 -4.31 -19.52 5.64
CA ALA B 74 -4.15 -19.11 7.05
C ALA B 74 -4.01 -17.59 7.22
N LEU B 75 -3.31 -16.95 6.28
CA LEU B 75 -3.17 -15.50 6.25
C LEU B 75 -4.53 -14.86 6.05
N MET B 76 -5.31 -15.41 5.12
CA MET B 76 -6.63 -14.88 4.83
C MET B 76 -7.59 -15.10 5.98
N GLU B 77 -7.51 -16.24 6.66
CA GLU B 77 -8.35 -16.49 7.83
C GLU B 77 -8.05 -15.52 8.98
N ALA B 78 -6.77 -15.24 9.22
CA ALA B 78 -6.34 -14.29 10.23
C ALA B 78 -6.91 -12.88 9.96
N ILE B 79 -6.79 -12.39 8.71
CA ILE B 79 -7.29 -11.05 8.36
C ILE B 79 -8.84 -10.99 8.40
N GLN B 80 -9.51 -12.05 7.97
CA GLN B 80 -10.98 -12.14 8.05
C GLN B 80 -11.47 -12.02 9.49
N ASN B 81 -10.89 -12.82 10.38
CA ASN B 81 -11.23 -12.78 11.82
C ASN B 81 -11.04 -11.39 12.43
N GLN B 82 -10.01 -10.70 11.97
CA GLN B 82 -9.74 -9.32 12.38
C GLN B 82 -10.85 -8.34 11.94
N ALA B 83 -11.30 -8.48 10.69
CA ALA B 83 -12.37 -7.63 10.14
C ALA B 83 -13.70 -7.86 10.87
N GLU B 84 -13.99 -9.12 11.19
CA GLU B 84 -15.16 -9.46 12.02
C GLU B 84 -15.03 -8.84 13.40
N HIS B 85 -13.87 -9.00 14.03
CA HIS B 85 -13.61 -8.49 15.37
C HIS B 85 -13.71 -6.97 15.46
N CYS B 86 -13.18 -6.28 14.46
CA CYS B 86 -13.30 -4.84 14.37
C CYS B 86 -14.74 -4.38 14.09
N GLY B 87 -15.58 -5.31 13.64
CA GLY B 87 -17.03 -5.07 13.53
C GLY B 87 -17.55 -4.91 12.12
N ALA B 88 -16.75 -5.29 11.12
CA ALA B 88 -17.20 -5.35 9.74
C ALA B 88 -18.07 -6.58 9.55
N GLU B 89 -19.10 -6.46 8.74
CA GLU B 89 -20.01 -7.56 8.44
C GLU B 89 -19.54 -8.25 7.16
N LEU B 90 -19.17 -9.53 7.25
CA LEU B 90 -18.68 -10.28 6.09
C LEU B 90 -19.80 -11.12 5.50
N LEU B 91 -20.04 -10.94 4.21
CA LEU B 91 -21.10 -11.64 3.49
C LEU B 91 -20.48 -12.49 2.40
N TYR B 92 -20.66 -13.81 2.49
CA TYR B 92 -20.18 -14.73 1.45
C TYR B 92 -21.20 -14.77 0.30
N GLU B 93 -21.25 -13.65 -0.44
CA GLU B 93 -22.21 -13.42 -1.52
C GLU B 93 -21.53 -12.67 -2.65
N ASP B 94 -21.95 -12.97 -3.87
CA ASP B 94 -21.42 -12.30 -5.06
C ASP B 94 -22.24 -11.06 -5.39
N VAL B 95 -21.54 -10.02 -5.82
CA VAL B 95 -22.16 -8.81 -6.34
C VAL B 95 -22.37 -8.99 -7.84
N HIS B 96 -23.60 -8.73 -8.29
CA HIS B 96 -23.97 -8.88 -9.70
C HIS B 96 -23.90 -7.55 -10.42
N SER B 97 -24.33 -6.48 -9.76
CA SER B 97 -24.28 -5.13 -10.35
C SER B 97 -24.28 -4.05 -9.27
N ILE B 98 -23.92 -2.85 -9.68
CA ILE B 98 -24.01 -1.67 -8.84
C ILE B 98 -24.71 -0.55 -9.60
N ASP B 99 -25.25 0.40 -8.84
CA ASP B 99 -25.78 1.64 -9.39
C ASP B 99 -24.92 2.78 -8.84
N VAL B 100 -24.37 3.61 -9.73
CA VAL B 100 -23.61 4.81 -9.33
C VAL B 100 -24.28 6.12 -9.72
N SER B 101 -25.40 6.04 -10.42
CA SER B 101 -26.15 7.21 -10.85
C SER B 101 -26.83 7.97 -9.68
N SER B 102 -27.11 7.26 -8.59
CA SER B 102 -27.87 7.82 -7.45
C SER B 102 -27.26 7.42 -6.11
N ARG B 103 -27.40 8.31 -5.13
CA ARG B 103 -26.90 8.11 -3.77
C ARG B 103 -28.10 8.06 -2.80
N PRO B 104 -28.21 7.05 -1.92
CA PRO B 104 -27.17 6.03 -1.67
C PRO B 104 -26.93 5.10 -2.85
N PHE B 105 -25.69 4.65 -3.00
CA PHE B 105 -25.32 3.71 -4.06
C PHE B 105 -26.03 2.39 -3.80
N LYS B 106 -26.43 1.69 -4.87
CA LYS B 106 -27.08 0.38 -4.76
C LYS B 106 -26.10 -0.72 -5.16
N ILE B 107 -26.17 -1.83 -4.45
CA ILE B 107 -25.38 -3.03 -4.71
C ILE B 107 -26.36 -4.18 -4.76
N VAL B 108 -26.40 -4.89 -5.88
CA VAL B 108 -27.27 -6.06 -6.06
C VAL B 108 -26.39 -7.31 -5.91
N HIS B 109 -26.84 -8.23 -5.06
CA HIS B 109 -25.99 -9.36 -4.64
C HIS B 109 -26.82 -10.52 -4.10
N GLY B 110 -26.18 -11.65 -3.92
CA GLY B 110 -26.82 -12.82 -3.32
C GLY B 110 -27.57 -13.61 -4.36
N TYR B 111 -27.98 -14.81 -3.98
CA TYR B 111 -28.72 -15.66 -4.88
C TYR B 111 -30.08 -15.05 -5.27
N GLU B 112 -30.73 -14.33 -4.35
CA GLU B 112 -32.02 -13.70 -4.63
C GLU B 112 -31.93 -12.22 -5.01
N ASN B 113 -30.75 -11.75 -5.39
CA ASN B 113 -30.57 -10.37 -5.85
C ASN B 113 -31.09 -9.32 -4.87
N GLU B 114 -30.67 -9.45 -3.62
CA GLU B 114 -30.91 -8.45 -2.58
C GLU B 114 -30.22 -7.14 -2.97
N THR B 115 -30.78 -6.02 -2.53
CA THR B 115 -30.13 -4.73 -2.71
C THR B 115 -29.65 -4.19 -1.36
N THR B 116 -28.35 -3.87 -1.28
CA THR B 116 -27.76 -3.18 -0.12
C THR B 116 -27.53 -1.72 -0.51
N LEU B 117 -27.86 -0.80 0.38
CA LEU B 117 -27.61 0.61 0.15
C LEU B 117 -26.29 0.98 0.82
N ALA B 118 -25.44 1.71 0.11
CA ALA B 118 -24.13 2.13 0.63
C ALA B 118 -23.94 3.60 0.36
N ASP B 119 -23.48 4.35 1.36
CA ASP B 119 -23.20 5.78 1.20
C ASP B 119 -21.89 6.04 0.47
N ALA B 120 -20.95 5.10 0.58
CA ALA B 120 -19.70 5.10 -0.18
C ALA B 120 -19.36 3.67 -0.60
N LEU B 121 -18.74 3.52 -1.77
CA LEU B 121 -18.30 2.20 -2.29
C LEU B 121 -16.81 2.11 -2.37
N ILE B 122 -16.27 0.95 -1.97
CA ILE B 122 -14.87 0.59 -2.24
C ILE B 122 -14.93 -0.68 -3.07
N ILE B 123 -14.20 -0.71 -4.19
CA ILE B 123 -14.16 -1.87 -5.08
C ILE B 123 -12.77 -2.50 -5.02
N ALA B 124 -12.73 -3.77 -4.60
CA ALA B 124 -11.50 -4.51 -4.40
C ALA B 124 -11.70 -5.94 -4.86
N THR B 125 -12.23 -6.06 -6.07
CA THR B 125 -12.62 -7.36 -6.62
C THR B 125 -11.45 -8.16 -7.21
N GLY B 126 -10.23 -7.62 -7.16
CA GLY B 126 -9.03 -8.39 -7.53
C GLY B 126 -8.89 -8.60 -9.03
N ALA B 127 -8.23 -9.68 -9.39
CA ALA B 127 -8.06 -10.07 -10.79
C ALA B 127 -7.81 -11.58 -10.89
N THR B 128 -7.93 -12.12 -12.09
CA THR B 128 -7.64 -13.55 -12.32
C THR B 128 -6.47 -13.78 -13.27
N ALA B 129 -5.87 -14.96 -13.13
CA ALA B 129 -4.64 -15.32 -13.83
C ALA B 129 -4.77 -15.56 -15.34
N ARG B 130 -5.95 -15.93 -15.83
CA ARG B 130 -6.17 -16.35 -17.24
C ARG B 130 -5.46 -17.67 -17.58
N ARG B 131 -5.45 -18.61 -16.62
CA ARG B 131 -4.68 -19.87 -16.75
C ARG B 131 -5.02 -20.63 -18.03
N LEU B 132 -3.99 -21.01 -18.79
CA LEU B 132 -4.15 -21.63 -20.11
C LEU B 132 -4.26 -23.15 -19.99
N ASP B 133 -5.42 -23.69 -20.38
CA ASP B 133 -5.63 -25.14 -20.47
C ASP B 133 -4.89 -25.66 -21.70
N CYS B 134 -3.64 -26.09 -21.49
CA CYS B 134 -2.70 -26.43 -22.56
C CYS B 134 -2.02 -27.77 -22.31
N LYS B 135 -1.66 -28.47 -23.38
CA LYS B 135 -0.87 -29.70 -23.29
C LYS B 135 0.60 -29.30 -23.00
N GLY B 136 1.04 -29.52 -21.76
CA GLY B 136 2.36 -29.09 -21.31
C GLY B 136 2.39 -27.90 -20.37
N GLU B 137 1.28 -27.15 -20.25
CA GLU B 137 1.17 -26.07 -19.25
C GLU B 137 1.24 -26.63 -17.84
N LYS B 138 0.46 -27.68 -17.59
CA LYS B 138 0.52 -28.43 -16.34
C LYS B 138 1.81 -29.24 -16.22
N GLU B 139 2.21 -29.91 -17.30
CA GLU B 139 3.41 -30.77 -17.30
C GLU B 139 4.71 -30.01 -17.01
N TYR B 140 4.80 -28.77 -17.51
CA TYR B 140 6.01 -27.95 -17.40
C TYR B 140 5.71 -26.57 -16.76
N TRP B 141 4.93 -26.54 -15.69
CA TRP B 141 4.67 -25.29 -14.94
C TRP B 141 5.81 -24.98 -13.98
N GLN B 142 6.30 -26.02 -13.31
CA GLN B 142 7.48 -25.93 -12.45
C GLN B 142 8.76 -25.77 -13.29
N LYS B 143 8.90 -26.64 -14.29
CA LYS B 143 10.07 -26.67 -15.17
C LYS B 143 9.71 -26.05 -16.50
N GLY B 144 10.57 -25.20 -17.06
CA GLY B 144 10.33 -24.66 -18.40
C GLY B 144 9.37 -23.49 -18.50
N VAL B 145 8.07 -23.70 -18.22
CA VAL B 145 7.11 -22.58 -18.22
C VAL B 145 7.28 -21.72 -16.96
N SER B 146 7.23 -20.40 -17.15
CA SER B 146 7.41 -19.42 -16.07
C SER B 146 6.44 -18.25 -16.23
N ALA B 147 6.01 -17.68 -15.11
CA ALA B 147 5.15 -16.49 -15.10
C ALA B 147 5.92 -15.19 -14.85
N CYS B 148 7.21 -15.31 -14.52
CA CYS B 148 8.05 -14.15 -14.23
C CYS B 148 9.42 -14.32 -14.90
N ALA B 149 9.78 -13.37 -15.77
CA ALA B 149 11.01 -13.47 -16.57
C ALA B 149 12.27 -13.19 -15.77
N VAL B 150 12.22 -12.19 -14.90
CA VAL B 150 13.36 -11.84 -14.03
C VAL B 150 13.58 -12.94 -12.98
N CYS B 151 12.50 -13.58 -12.55
CA CYS B 151 12.54 -14.66 -11.55
C CYS B 151 13.18 -15.94 -12.09
N ASP B 152 12.84 -16.31 -13.32
CA ASP B 152 13.37 -17.53 -13.96
C ASP B 152 14.32 -17.24 -15.15
N SER B 153 15.07 -16.12 -15.08
CA SER B 153 15.96 -15.69 -16.17
C SER B 153 17.16 -16.64 -16.46
N ALA B 154 17.46 -17.53 -15.52
CA ALA B 154 18.45 -18.59 -15.71
C ALA B 154 18.06 -19.58 -16.83
N MET B 155 16.76 -19.76 -17.08
CA MET B 155 16.28 -20.60 -18.20
C MET B 155 16.52 -19.92 -19.54
N ALA B 156 16.29 -18.60 -19.58
CA ALA B 156 16.43 -17.83 -20.81
C ALA B 156 17.87 -17.65 -21.29
N THR B 157 18.81 -17.54 -20.34
CA THR B 157 20.22 -17.25 -20.68
C THR B 157 20.85 -18.21 -21.71
N GLY B 158 21.33 -17.61 -22.80
CA GLY B 158 21.96 -18.35 -23.88
C GLY B 158 21.04 -19.25 -24.70
N LYS B 159 19.74 -18.93 -24.74
CA LYS B 159 18.75 -19.78 -25.41
C LYS B 159 17.76 -18.97 -26.21
N GLU B 160 16.95 -19.66 -27.01
CA GLU B 160 15.81 -19.05 -27.69
C GLU B 160 14.62 -19.17 -26.73
N VAL B 161 13.77 -18.16 -26.74
CA VAL B 161 12.72 -18.02 -25.71
C VAL B 161 11.40 -17.51 -26.31
N VAL B 162 10.30 -17.89 -25.68
CA VAL B 162 8.94 -17.52 -26.11
C VAL B 162 8.25 -16.69 -25.00
N VAL B 163 7.66 -15.56 -25.40
CA VAL B 163 6.85 -14.73 -24.49
C VAL B 163 5.42 -14.67 -25.05
N VAL B 164 4.43 -14.88 -24.21
CA VAL B 164 3.03 -14.86 -24.63
C VAL B 164 2.28 -13.58 -24.26
N GLY B 165 1.60 -13.01 -25.24
CA GLY B 165 0.80 -11.81 -25.09
C GLY B 165 1.44 -10.49 -25.44
N GLY B 166 0.63 -9.54 -25.88
CA GLY B 166 1.13 -8.22 -26.24
C GLY B 166 0.49 -7.20 -25.34
N GLY B 167 1.25 -6.77 -24.35
CA GLY B 167 0.81 -5.82 -23.35
C GLY B 167 2.05 -5.32 -22.66
N ASP B 168 1.88 -4.41 -21.72
CA ASP B 168 2.99 -3.85 -21.00
C ASP B 168 3.78 -4.91 -20.23
N VAL B 169 3.11 -5.84 -19.59
CA VAL B 169 3.84 -6.87 -18.86
C VAL B 169 4.75 -7.59 -19.84
N ALA B 170 4.16 -8.14 -20.91
CA ALA B 170 4.91 -8.92 -21.90
C ALA B 170 5.97 -8.12 -22.67
N CYS B 171 5.65 -6.88 -23.05
CA CYS B 171 6.59 -6.01 -23.79
C CYS B 171 7.86 -5.70 -23.00
N GLU B 172 7.74 -5.52 -21.69
CA GLU B 172 8.89 -5.33 -20.80
C GLU B 172 9.66 -6.63 -20.52
N GLU B 173 8.97 -7.76 -20.51
CA GLU B 173 9.62 -9.08 -20.35
C GLU B 173 10.52 -9.39 -21.54
N ALA B 174 10.00 -9.13 -22.74
CA ALA B 174 10.72 -9.37 -24.00
C ALA B 174 11.98 -8.49 -24.17
N THR B 175 11.85 -7.19 -23.90
CA THR B 175 13.00 -6.26 -23.98
C THR B 175 14.08 -6.59 -22.95
N TYR B 176 13.68 -7.07 -21.77
CA TYR B 176 14.63 -7.55 -20.76
C TYR B 176 15.35 -8.84 -21.19
N LEU B 177 14.58 -9.80 -21.71
CA LEU B 177 15.15 -11.08 -22.15
C LEU B 177 16.05 -11.01 -23.40
N THR B 178 16.06 -9.88 -24.13
CA THR B 178 17.07 -9.64 -25.18
C THR B 178 18.51 -9.46 -24.65
N LYS B 179 18.63 -9.10 -23.37
CA LYS B 179 19.94 -8.95 -22.70
C LYS B 179 20.55 -10.34 -22.42
N ILE B 180 19.68 -11.35 -22.29
CA ILE B 180 20.06 -12.69 -21.87
C ILE B 180 19.83 -13.72 -22.98
N ALA B 181 18.59 -13.83 -23.49
CA ALA B 181 18.23 -14.79 -24.55
C ALA B 181 18.82 -14.42 -25.91
N THR B 182 19.12 -15.44 -26.73
CA THR B 182 19.66 -15.23 -28.08
C THR B 182 18.57 -14.72 -29.02
N LYS B 183 17.34 -15.18 -28.81
CA LYS B 183 16.17 -14.78 -29.61
C LYS B 183 14.89 -14.84 -28.75
N VAL B 184 14.04 -13.82 -28.89
CA VAL B 184 12.78 -13.73 -28.14
C VAL B 184 11.58 -13.73 -29.10
N TYR B 185 10.69 -14.71 -28.93
CA TYR B 185 9.46 -14.82 -29.73
C TYR B 185 8.27 -14.24 -28.96
N MET B 186 7.61 -13.22 -29.50
CA MET B 186 6.36 -12.69 -28.92
C MET B 186 5.11 -13.19 -29.67
N VAL B 187 4.28 -13.94 -28.97
CA VAL B 187 3.06 -14.53 -29.53
C VAL B 187 1.82 -13.78 -29.06
N LEU B 188 1.20 -13.02 -29.96
CA LEU B 188 -0.04 -12.29 -29.65
C LEU B 188 -1.26 -13.00 -30.24
N ARG B 189 -2.36 -12.98 -29.49
CA ARG B 189 -3.67 -13.46 -29.96
C ARG B 189 -4.52 -12.37 -30.65
N ARG B 190 -3.92 -11.22 -31.00
CA ARG B 190 -4.64 -10.12 -31.63
C ARG B 190 -3.88 -9.52 -32.82
N ASP B 191 -4.59 -8.67 -33.56
CA ASP B 191 -4.07 -7.93 -34.72
C ASP B 191 -2.88 -7.02 -34.34
N LYS B 192 -3.01 -6.34 -33.20
CA LYS B 192 -1.98 -5.45 -32.66
C LYS B 192 -1.84 -5.63 -31.14
N PHE B 193 -1.04 -4.76 -30.51
CA PHE B 193 -0.72 -4.84 -29.08
C PHE B 193 -1.77 -4.09 -28.25
N ARG B 194 -2.08 -4.60 -27.07
CA ARG B 194 -2.84 -3.85 -26.05
C ARG B 194 -1.83 -3.15 -25.12
N ALA B 195 -1.07 -2.19 -25.67
CA ALA B 195 0.08 -1.58 -24.96
C ALA B 195 0.46 -0.17 -25.47
N SER B 196 1.31 0.49 -24.69
CA SER B 196 1.75 1.87 -24.93
C SER B 196 2.62 2.00 -26.16
N ALA B 197 2.43 3.09 -26.92
CA ALA B 197 3.21 3.39 -28.15
C ALA B 197 4.72 3.53 -27.94
N ALA B 198 5.13 3.92 -26.73
CA ALA B 198 6.54 3.94 -26.34
C ALA B 198 7.11 2.52 -26.18
N MET B 199 6.30 1.62 -25.61
CA MET B 199 6.72 0.23 -25.42
C MET B 199 6.67 -0.59 -26.73
N VAL B 200 5.73 -0.29 -27.61
CA VAL B 200 5.65 -0.95 -28.94
C VAL B 200 6.83 -0.52 -29.82
N LYS B 201 7.24 0.75 -29.72
CA LYS B 201 8.40 1.25 -30.47
C LYS B 201 9.71 0.55 -30.07
N LYS B 202 9.90 0.34 -28.76
CA LYS B 202 11.04 -0.41 -28.23
C LYS B 202 11.02 -1.88 -28.68
N VAL B 203 9.82 -2.48 -28.67
CA VAL B 203 9.61 -3.86 -29.13
C VAL B 203 9.80 -4.00 -30.64
N MET B 204 9.14 -3.15 -31.42
CA MET B 204 9.13 -3.28 -32.88
C MET B 204 10.46 -2.87 -33.56
N ASN B 205 11.30 -2.11 -32.84
CA ASN B 205 12.68 -1.79 -33.28
C ASN B 205 13.74 -2.71 -32.66
N GLU B 206 13.33 -3.88 -32.15
CA GLU B 206 14.24 -4.87 -31.60
C GLU B 206 14.45 -5.99 -32.62
N LYS B 207 15.70 -6.19 -33.02
CA LYS B 207 16.07 -7.21 -34.01
C LYS B 207 15.96 -8.63 -33.43
N LEU B 208 16.29 -8.76 -32.14
CA LEU B 208 16.15 -10.02 -31.41
C LEU B 208 14.70 -10.42 -31.05
N ILE B 209 13.73 -9.54 -31.29
CA ILE B 209 12.32 -9.87 -31.12
C ILE B 209 11.70 -10.23 -32.48
N GLU B 210 10.93 -11.33 -32.47
CA GLU B 210 10.11 -11.75 -33.60
C GLU B 210 8.67 -11.79 -33.11
N ILE B 211 7.84 -10.90 -33.66
CA ILE B 211 6.47 -10.71 -33.18
C ILE B 211 5.53 -11.52 -34.06
N ILE B 212 4.83 -12.49 -33.46
CA ILE B 212 3.85 -13.34 -34.15
C ILE B 212 2.45 -12.90 -33.70
N TYR B 213 1.62 -12.44 -34.66
CA TYR B 213 0.26 -11.95 -34.37
C TYR B 213 -0.77 -13.02 -34.65
N ASP B 214 -2.01 -12.79 -34.21
CA ASP B 214 -3.16 -13.66 -34.50
C ASP B 214 -2.85 -15.14 -34.24
N SER B 215 -2.24 -15.42 -33.09
CA SER B 215 -1.80 -16.79 -32.76
C SER B 215 -2.01 -17.13 -31.29
N ALA B 216 -2.17 -18.42 -31.02
CA ALA B 216 -2.34 -18.95 -29.67
C ALA B 216 -1.46 -20.19 -29.46
N ILE B 217 -1.08 -20.43 -28.23
CA ILE B 217 -0.16 -21.52 -27.88
C ILE B 217 -0.91 -22.88 -27.82
N ASP B 218 -0.53 -23.82 -28.70
CA ASP B 218 -1.25 -25.09 -28.87
C ASP B 218 -0.72 -26.20 -27.97
N GLU B 219 0.60 -26.36 -27.93
CA GLU B 219 1.26 -27.39 -27.10
C GLU B 219 2.69 -26.98 -26.73
N ILE B 220 3.14 -27.44 -25.56
CA ILE B 220 4.51 -27.23 -25.09
C ILE B 220 5.19 -28.60 -25.02
N LYS B 221 6.26 -28.76 -25.80
CA LYS B 221 6.96 -30.03 -25.94
C LYS B 221 8.31 -29.98 -25.21
N GLY B 222 8.72 -31.11 -24.64
CA GLY B 222 10.00 -31.21 -23.93
C GLY B 222 10.56 -32.62 -23.92
N ASP B 223 11.62 -32.80 -23.12
CA ASP B 223 12.17 -34.14 -22.85
C ASP B 223 11.70 -34.71 -21.49
N GLY B 224 10.69 -34.09 -20.87
CA GLY B 224 10.24 -34.48 -19.53
C GLY B 224 10.88 -33.69 -18.40
N LYS B 225 12.12 -33.22 -18.61
CA LYS B 225 12.82 -32.32 -17.70
C LYS B 225 12.67 -30.88 -18.17
N CYS B 226 13.25 -30.56 -19.34
CA CYS B 226 13.22 -29.18 -19.89
C CYS B 226 12.33 -29.04 -21.12
N VAL B 227 11.77 -27.85 -21.32
CA VAL B 227 11.04 -27.50 -22.54
C VAL B 227 12.06 -27.35 -23.67
N THR B 228 11.81 -28.03 -24.80
CA THR B 228 12.67 -27.96 -25.99
C THR B 228 11.99 -27.34 -27.21
N SER B 229 10.66 -27.32 -27.23
CA SER B 229 9.92 -26.69 -28.33
C SER B 229 8.51 -26.30 -27.93
N VAL B 230 7.94 -25.35 -28.67
CA VAL B 230 6.60 -24.88 -28.42
C VAL B 230 5.81 -24.92 -29.73
N SER B 231 4.55 -25.34 -29.64
CA SER B 231 3.67 -25.43 -30.80
C SER B 231 2.63 -24.32 -30.79
N ILE B 232 2.49 -23.65 -31.92
CA ILE B 232 1.56 -22.54 -32.08
C ILE B 232 0.59 -22.80 -33.21
N LYS B 233 -0.67 -22.38 -33.03
CA LYS B 233 -1.68 -22.52 -34.06
C LYS B 233 -2.34 -21.16 -34.33
N ASN B 234 -2.38 -20.75 -35.59
CA ASN B 234 -3.00 -19.49 -35.94
C ASN B 234 -4.51 -19.54 -35.72
N LEU B 235 -5.08 -18.48 -35.15
CA LEU B 235 -6.50 -18.48 -34.90
C LEU B 235 -7.35 -18.52 -36.15
N LYS B 236 -7.01 -17.70 -37.13
CA LYS B 236 -7.76 -17.74 -38.38
C LYS B 236 -7.48 -19.01 -39.18
N ASP B 237 -6.20 -19.32 -39.33
CA ASP B 237 -5.72 -20.48 -40.08
C ASP B 237 -6.02 -21.84 -39.50
N GLY B 238 -5.80 -21.97 -38.20
CA GLY B 238 -5.96 -23.25 -37.53
C GLY B 238 -4.68 -24.06 -37.74
N LYS B 239 -3.71 -23.47 -38.45
CA LYS B 239 -2.42 -24.06 -38.75
C LYS B 239 -1.48 -23.95 -37.57
N THR B 240 -0.64 -24.98 -37.38
CA THR B 240 0.30 -25.00 -36.27
C THR B 240 1.75 -25.15 -36.67
N ARG B 241 2.63 -24.41 -36.01
CA ARG B 241 4.06 -24.50 -36.26
C ARG B 241 4.84 -24.59 -34.95
N THR B 242 6.05 -25.14 -35.00
CA THR B 242 6.84 -25.31 -33.79
C THR B 242 8.08 -24.44 -33.65
N LEU B 243 8.31 -23.97 -32.43
CA LEU B 243 9.47 -23.14 -32.11
C LEU B 243 10.32 -23.78 -31.01
N ASN B 244 11.64 -23.82 -31.23
CA ASN B 244 12.57 -24.37 -30.25
C ASN B 244 12.84 -23.30 -29.21
N ALA B 245 12.64 -23.66 -27.94
CA ALA B 245 12.86 -22.75 -26.83
C ALA B 245 13.20 -23.52 -25.58
N GLY B 246 14.05 -22.96 -24.73
CA GLY B 246 14.40 -23.54 -23.43
C GLY B 246 13.37 -23.27 -22.34
N ALA B 247 12.60 -22.20 -22.51
CA ALA B 247 11.52 -21.88 -21.59
C ALA B 247 10.45 -21.03 -22.26
N LEU B 248 9.23 -21.15 -21.74
CA LEU B 248 8.10 -20.33 -22.15
C LEU B 248 7.78 -19.36 -21.02
N TYR B 249 7.82 -18.06 -21.32
CA TYR B 249 7.45 -17.04 -20.36
C TYR B 249 6.03 -16.55 -20.60
N TRP B 250 5.13 -16.97 -19.71
CA TRP B 250 3.76 -16.52 -19.74
C TRP B 250 3.72 -15.06 -19.23
N ALA B 251 3.17 -14.17 -20.06
CA ALA B 251 3.02 -12.75 -19.72
C ALA B 251 1.78 -12.18 -20.38
N VAL B 252 0.69 -12.96 -20.35
CA VAL B 252 -0.53 -12.61 -21.07
C VAL B 252 -1.18 -11.38 -20.44
N GLY B 253 -1.14 -11.33 -19.11
CA GLY B 253 -1.78 -10.26 -18.34
C GLY B 253 -2.86 -10.83 -17.43
N HIS B 254 -3.43 -9.96 -16.61
CA HIS B 254 -4.43 -10.36 -15.62
C HIS B 254 -5.77 -9.68 -15.92
N ASP B 255 -6.86 -10.38 -15.61
CA ASP B 255 -8.22 -9.86 -15.83
C ASP B 255 -8.75 -9.28 -14.54
N PRO B 256 -8.84 -7.92 -14.45
CA PRO B 256 -9.54 -7.35 -13.30
C PRO B 256 -10.97 -7.86 -13.24
N GLN B 257 -11.44 -8.22 -12.06
CA GLN B 257 -12.78 -8.77 -11.94
C GLN B 257 -13.79 -7.64 -11.82
N THR B 258 -14.03 -6.98 -12.95
CA THR B 258 -14.92 -5.84 -13.05
C THR B 258 -16.06 -6.09 -14.06
N SER B 259 -16.36 -7.35 -14.36
CA SER B 259 -17.38 -7.69 -15.36
C SER B 259 -18.76 -7.21 -14.91
N PHE B 260 -19.02 -7.27 -13.61
CA PHE B 260 -20.23 -6.69 -13.01
C PHE B 260 -20.47 -5.21 -13.36
N LEU B 261 -19.42 -4.47 -13.68
CA LEU B 261 -19.57 -3.09 -14.14
C LEU B 261 -20.12 -2.97 -15.55
N LYS B 262 -20.76 -1.82 -15.82
CA LYS B 262 -21.28 -1.46 -17.12
C LYS B 262 -20.37 -0.37 -17.69
N LYS B 263 -20.31 -0.29 -19.02
CA LYS B 263 -19.55 0.76 -19.70
C LYS B 263 -20.10 2.15 -19.39
N GLY B 264 -19.24 3.03 -18.88
CA GLY B 264 -19.62 4.39 -18.52
C GLY B 264 -19.95 4.59 -17.05
N GLN B 265 -20.01 3.51 -16.27
CA GLN B 265 -20.19 3.66 -14.83
C GLN B 265 -18.91 4.23 -14.22
N LEU B 266 -17.80 3.55 -14.46
CA LEU B 266 -16.49 3.97 -13.99
C LEU B 266 -15.52 3.99 -15.15
N GLU B 267 -14.66 5.02 -15.19
CA GLU B 267 -13.59 5.08 -16.20
C GLU B 267 -12.66 3.88 -16.03
N GLN B 268 -12.41 3.17 -17.14
CA GLN B 268 -11.54 2.00 -17.13
C GLN B 268 -10.64 2.01 -18.36
N ASP B 269 -9.54 1.27 -18.31
CA ASP B 269 -8.69 1.09 -19.50
C ASP B 269 -9.30 -0.01 -20.40
N GLU B 270 -8.65 -0.32 -21.52
CA GLU B 270 -9.10 -1.38 -22.43
C GLU B 270 -9.22 -2.75 -21.73
N ALA B 271 -8.22 -3.08 -20.90
CA ALA B 271 -8.19 -4.36 -20.17
C ALA B 271 -9.23 -4.46 -19.02
N GLY B 272 -9.79 -3.32 -18.61
CA GLY B 272 -10.88 -3.27 -17.62
C GLY B 272 -10.48 -2.80 -16.24
N TYR B 273 -9.20 -2.44 -16.04
CA TYR B 273 -8.73 -1.90 -14.76
C TYR B 273 -9.43 -0.58 -14.49
N ILE B 274 -9.92 -0.39 -13.26
CA ILE B 274 -10.50 0.88 -12.86
C ILE B 274 -9.37 1.90 -12.75
N LEU B 275 -9.61 3.09 -13.29
CA LEU B 275 -8.63 4.16 -13.32
C LEU B 275 -8.72 5.01 -12.06
N LEU B 276 -7.56 5.37 -11.53
CA LEU B 276 -7.43 6.25 -10.38
C LEU B 276 -7.20 7.68 -10.85
N LYS B 277 -8.05 8.60 -10.41
CA LYS B 277 -8.15 9.97 -10.97
C LYS B 277 -7.50 11.09 -10.15
N ASP B 278 -6.98 10.76 -8.97
CA ASP B 278 -6.35 11.74 -8.09
C ASP B 278 -5.26 11.04 -7.27
N HIS B 279 -4.13 10.81 -7.91
CA HIS B 279 -2.99 10.23 -7.23
C HIS B 279 -2.48 11.18 -6.14
N PRO B 280 -2.05 10.69 -4.97
CA PRO B 280 -1.94 9.26 -4.63
C PRO B 280 -3.19 8.69 -3.92
N THR B 281 -4.37 9.30 -4.09
CA THR B 281 -5.58 8.77 -3.50
C THR B 281 -6.12 7.60 -4.31
N GLN B 282 -7.11 6.93 -3.74
CA GLN B 282 -7.80 5.81 -4.37
C GLN B 282 -9.10 6.25 -5.08
N ARG B 283 -9.25 7.55 -5.35
CA ARG B 283 -10.47 8.08 -5.98
C ARG B 283 -10.63 7.61 -7.43
N THR B 284 -11.85 7.25 -7.79
CA THR B 284 -12.22 6.85 -9.15
C THR B 284 -12.81 8.07 -9.85
N SER B 285 -13.38 7.84 -11.05
CA SER B 285 -14.10 8.89 -11.79
C SER B 285 -15.45 9.26 -11.21
N VAL B 286 -15.92 8.54 -10.20
CA VAL B 286 -17.18 8.89 -9.52
C VAL B 286 -16.89 9.17 -8.04
N ASP B 287 -17.43 10.29 -7.55
CA ASP B 287 -17.22 10.71 -6.16
C ASP B 287 -17.98 9.82 -5.21
N GLY B 288 -17.32 9.48 -4.09
CA GLY B 288 -17.82 8.49 -3.16
C GLY B 288 -17.57 7.05 -3.55
N VAL B 289 -16.83 6.84 -4.65
CA VAL B 289 -16.50 5.50 -5.12
C VAL B 289 -14.99 5.41 -5.21
N PHE B 290 -14.43 4.37 -4.59
CA PHE B 290 -12.99 4.20 -4.47
C PHE B 290 -12.65 2.80 -4.92
N ALA B 291 -11.39 2.61 -5.23
CA ALA B 291 -10.91 1.36 -5.77
C ALA B 291 -9.57 1.02 -5.14
N ALA B 292 -9.31 -0.26 -4.95
CA ALA B 292 -8.14 -0.69 -4.24
C ALA B 292 -7.74 -2.10 -4.68
N GLY B 293 -6.45 -2.37 -4.63
CA GLY B 293 -5.92 -3.69 -4.92
C GLY B 293 -5.71 -3.91 -6.40
N ASP B 294 -5.71 -5.20 -6.78
CA ASP B 294 -5.40 -5.62 -8.16
C ASP B 294 -6.38 -5.14 -9.22
N CYS B 295 -7.63 -4.86 -8.85
CA CYS B 295 -8.61 -4.36 -9.81
C CYS B 295 -8.32 -2.95 -10.35
N CYS B 296 -7.40 -2.21 -9.73
CA CYS B 296 -6.92 -0.95 -10.26
C CYS B 296 -5.39 -0.82 -10.31
N ASP B 297 -4.68 -1.93 -10.10
CA ASP B 297 -3.21 -1.95 -10.13
C ASP B 297 -2.71 -3.18 -10.89
N HIS B 298 -2.04 -2.95 -12.00
CA HIS B 298 -1.44 -4.02 -12.80
C HIS B 298 0.09 -4.16 -12.61
N LEU B 299 0.71 -3.10 -12.09
CA LEU B 299 2.18 -2.99 -12.00
C LEU B 299 2.80 -3.86 -10.92
N TYR B 300 2.22 -3.84 -9.72
CA TYR B 300 2.86 -4.39 -8.52
C TYR B 300 2.31 -5.74 -8.13
N ARG B 301 1.00 -5.81 -7.92
CA ARG B 301 0.31 -7.04 -7.64
C ARG B 301 0.89 -7.81 -6.45
N GLN B 302 0.79 -7.21 -5.26
CA GLN B 302 1.23 -7.90 -4.04
C GLN B 302 0.17 -7.73 -2.96
N ALA B 303 0.10 -8.73 -2.08
CA ALA B 303 -0.83 -8.71 -0.95
C ALA B 303 -0.65 -7.48 -0.06
N VAL B 304 0.57 -7.27 0.43
CA VAL B 304 0.87 -6.08 1.25
C VAL B 304 0.54 -4.79 0.52
N VAL B 305 0.81 -4.74 -0.79
CA VAL B 305 0.47 -3.56 -1.60
C VAL B 305 -1.04 -3.34 -1.69
N ALA B 306 -1.76 -4.40 -2.03
CA ALA B 306 -3.22 -4.40 -2.04
C ALA B 306 -3.75 -3.95 -0.69
N ALA B 307 -3.23 -4.55 0.38
CA ALA B 307 -3.65 -4.17 1.74
C ALA B 307 -3.47 -2.67 2.01
N GLY B 308 -2.33 -2.15 1.58
CA GLY B 308 -2.04 -0.72 1.67
C GLY B 308 -3.12 0.12 1.01
N SER B 309 -3.48 -0.22 -0.22
CA SER B 309 -4.58 0.46 -0.93
C SER B 309 -5.90 0.42 -0.17
N GLY B 310 -6.20 -0.74 0.43
CA GLY B 310 -7.40 -0.96 1.20
C GLY B 310 -7.55 0.08 2.29
N SER B 311 -6.48 0.23 3.09
CA SER B 311 -6.38 1.23 4.13
C SER B 311 -6.58 2.62 3.58
N LYS B 312 -5.90 2.93 2.48
CA LYS B 312 -6.00 4.23 1.86
C LYS B 312 -7.43 4.52 1.39
N ALA B 313 -8.05 3.54 0.72
CA ALA B 313 -9.43 3.65 0.24
C ALA B 313 -10.42 3.94 1.37
N ALA B 314 -10.30 3.17 2.45
CA ALA B 314 -11.16 3.33 3.62
C ALA B 314 -11.03 4.70 4.29
N LEU B 315 -9.80 5.20 4.38
CA LEU B 315 -9.54 6.53 4.94
C LEU B 315 -10.03 7.63 3.99
N ASP B 316 -9.83 7.43 2.68
CA ASP B 316 -10.44 8.31 1.67
C ASP B 316 -11.97 8.38 1.83
N ALA B 317 -12.61 7.21 1.96
CA ALA B 317 -14.07 7.14 2.12
C ALA B 317 -14.56 7.82 3.40
N GLU B 318 -13.82 7.60 4.49
CA GLU B 318 -14.13 8.21 5.79
C GLU B 318 -14.08 9.75 5.73
N ARG B 319 -13.04 10.28 5.10
CA ARG B 319 -12.91 11.74 4.92
C ARG B 319 -13.97 12.29 4.01
N TRP B 320 -14.24 11.59 2.92
CA TRP B 320 -15.23 12.02 1.96
C TRP B 320 -16.63 12.02 2.61
N LEU B 321 -16.98 10.93 3.28
CA LEU B 321 -18.27 10.84 3.98
C LEU B 321 -18.46 11.95 4.99
N ALA B 322 -17.41 12.20 5.78
CA ALA B 322 -17.44 13.21 6.84
C ALA B 322 -17.65 14.63 6.31
N MET B 323 -17.02 14.96 5.18
CA MET B 323 -17.24 16.27 4.58
C MET B 323 -18.67 16.43 4.01
N GLN B 324 -19.36 15.33 3.69
CA GLN B 324 -20.78 15.39 3.28
C GLN B 324 -21.74 15.78 4.40
N GLU B 325 -21.37 15.51 5.66
CA GLU B 325 -22.23 15.86 6.79
C GLU B 325 -22.15 17.36 7.12
PA FAD C . 9.09 4.52 10.81
O1A FAD C . 9.05 5.73 11.70
O2A FAD C . 8.34 3.30 11.26
O5B FAD C . 10.62 4.07 10.59
C5B FAD C . 11.63 5.03 10.29
C4B FAD C . 12.97 4.31 10.31
O4B FAD C . 13.99 5.16 9.81
C3B FAD C . 13.41 3.89 11.71
O3B FAD C . 13.93 2.55 11.69
C2B FAD C . 14.47 4.91 12.07
O2B FAD C . 15.39 4.48 13.08
C1B FAD C . 15.10 5.10 10.71
N9A FAD C . 15.87 6.34 10.52
C8A FAD C . 15.39 7.60 10.63
N7A FAD C . 16.36 8.51 10.37
C5A FAD C . 17.47 7.82 10.08
C6A FAD C . 18.87 8.16 9.72
N6A FAD C . 19.23 9.47 9.61
N1A FAD C . 19.72 7.13 9.49
C2A FAD C . 19.34 5.83 9.60
N3A FAD C . 18.10 5.45 9.93
C4A FAD C . 17.15 6.39 10.18
N1 FAD C . 0.15 2.99 12.48
C2 FAD C . -0.55 1.84 12.37
O2 FAD C . -0.64 1.38 11.21
N3 FAD C . -1.14 1.24 13.41
C4 FAD C . -1.07 1.75 14.66
O4 FAD C . -1.60 1.18 15.62
C4X FAD C . -0.29 3.00 14.87
N5 FAD C . -0.16 3.58 16.07
C5X FAD C . 0.52 4.73 16.21
C6 FAD C . 0.60 5.27 17.48
C7 FAD C . 1.29 6.46 17.73
C7M FAD C . 1.34 6.97 19.13
C8 FAD C . 1.95 7.16 16.59
C8M FAD C . 2.70 8.44 16.82
C9 FAD C . 1.87 6.62 15.30
C9A FAD C . 1.17 5.43 15.05
N10 FAD C . 1.04 4.83 13.77
C10 FAD C . 0.33 3.61 13.66
C1' FAD C . 1.63 5.39 12.53
C2' FAD C . 2.98 4.70 12.28
O2' FAD C . 3.86 5.00 13.38
C3' FAD C . 3.67 5.13 10.99
O3' FAD C . 2.72 5.23 9.91
C4' FAD C . 4.78 4.15 10.62
O4' FAD C . 5.66 3.97 11.74
C5' FAD C . 5.59 4.68 9.44
O5' FAD C . 6.54 3.70 9.05
P FAD C . 7.86 4.16 8.26
O1P FAD C . 8.64 2.95 7.85
O2P FAD C . 7.44 5.14 7.19
O3P FAD C . 8.65 5.04 9.36
PA FAD D . -7.78 -10.72 -4.21
O1A FAD D . -7.78 -11.63 -5.41
O2A FAD D . -6.87 -11.06 -3.06
O5B FAD D . -9.28 -10.69 -3.65
C5B FAD D . -10.37 -10.49 -4.55
C4B FAD D . -11.65 -10.57 -3.74
O4B FAD D . -12.74 -10.00 -4.47
C3B FAD D . -12.08 -11.99 -3.42
O3B FAD D . -12.56 -12.06 -2.08
C2B FAD D . -13.18 -12.29 -4.43
O2B FAD D . -14.11 -13.26 -4.00
C1B FAD D . -13.83 -10.93 -4.47
N9A FAD D . -14.72 -10.67 -5.62
C8A FAD D . -14.38 -10.58 -6.92
N7A FAD D . -15.47 -10.32 -7.68
C5A FAD D . -16.52 -10.24 -6.85
C6A FAD D . -17.95 -9.99 -6.98
N6A FAD D . -18.50 -9.76 -8.19
N1A FAD D . -18.69 -9.99 -5.84
C2A FAD D . -18.16 -10.22 -4.62
N3A FAD D . -16.86 -10.46 -4.43
C4A FAD D . -16.02 -10.47 -5.49
N1 FAD D . 1.32 -11.77 -3.45
C2 FAD D . 2.17 -11.76 -2.39
O2 FAD D . 2.27 -10.71 -1.73
N3 FAD D . 2.90 -12.82 -2.02
C4 FAD D . 2.83 -13.98 -2.69
O4 FAD D . 3.53 -14.93 -2.31
C4X FAD D . 1.93 -14.09 -3.88
N5 FAD D . 1.80 -15.22 -4.61
C5X FAD D . 0.97 -15.28 -5.68
C6 FAD D . 0.88 -16.47 -6.40
C7 FAD D . 0.04 -16.59 -7.51
C7M FAD D . -0.02 -17.90 -8.25
C8 FAD D . -0.78 -15.42 -7.93
C8M FAD D . -1.71 -15.51 -9.13
C9 FAD D . -0.70 -14.22 -7.21
C9A FAD D . 0.15 -14.08 -6.10
N10 FAD D . 0.27 -12.88 -5.33
C10 FAD D . 1.14 -12.87 -4.23
C1' FAD D . -0.48 -11.64 -5.63
C2' FAD D . -1.60 -11.40 -4.63
O2' FAD D . -2.28 -12.64 -4.36
C3' FAD D . -2.59 -10.36 -5.14
O3' FAD D . -1.90 -9.19 -5.63
C4' FAD D . -3.55 -9.95 -4.03
O4' FAD D . -4.28 -11.10 -3.54
C5' FAD D . -4.52 -8.87 -4.52
O5' FAD D . -5.45 -8.60 -3.49
P FAD D . -6.91 -8.03 -3.81
O1P FAD D . -7.61 -7.87 -2.48
O2P FAD D . -6.66 -6.86 -4.74
O3P FAD D . -7.62 -9.19 -4.68
NA NA E . -27.71 -10.99 2.97
#